data_8RZY
#
_entry.id   8RZY
#
_cell.length_a   45.813
_cell.length_b   211.913
_cell.length_c   55.539
_cell.angle_alpha   90.00
_cell.angle_beta   96.49
_cell.angle_gamma   90.00
#
_symmetry.space_group_name_H-M   'P 1 21 1'
#
loop_
_entity.id
_entity.type
_entity.pdbx_description
1 polymer 'Tyrosine-protein phosphatase non-receptor type 11'
2 non-polymer 1H-pyrrolo[3,2-b]pyridin-5-amine
3 non-polymer 'DIMETHYL SULFOXIDE'
4 water water
#
_entity_poly.entity_id   1
_entity_poly.type   'polypeptide(L)'
_entity_poly.pdbx_seq_one_letter_code
;HMTSRRWFHPNITGVEAENLLLTRGVDGSFLARPSKSNPGDFTLSVRRNGAVTHIKIQNTGDYYDLYGGEKFATLAELVQ
YYMEHHGQLKEKNGDVIELKYPLNCADPTSERWFHGHLSGKEAEKLLTEKGKHGSFLVRESQSHPGDFVLSVRTGDDKGE
SNDGKSKVTHVMIRCQELKYDVGGGERFDSLTDLVEHYKKNPMVETLGTVLQLKQPLNTTRINAAEIESRVRELSKLAET
TDKVKQGFWEEFETLQQQECKLLYSRKEGQRQENKNKNRYKNILPFDHTRVVLHDGDPNEPVSDYINANIIMPEFETKCN
NSKPKKSYIATQGCLQNTVNDFWRMVFQENSRVIVMTTKEVERGKSKCVKYWPDEYALKEYGVMRVRNVKESAAHDYTLR
ELKLSKVGQGNTERTVWQYHFRTWPDHGVPSDPGGVLDFLEEVHHKQESIMDAGPVVVHCSAGIGRTGTFIVIDILIDII
REKGVDCDIDVPKTIQMVRSQRSGMVQTEAQYRFIYMAVQHYIETLQRRLEHHHHHH
;
_entity_poly.pdbx_strand_id   A,B
#
loop_
_chem_comp.id
_chem_comp.type
_chem_comp.name
_chem_comp.formula
A1H4L non-polymer 1H-pyrrolo[3,2-b]pyridin-5-amine 'C7 H7 N3'
DMS non-polymer 'DIMETHYL SULFOXIDE' 'C2 H6 O S'
#
# COMPACT_ATOMS: atom_id res chain seq x y z
N SER A 4 -0.65 5.34 -13.22
CA SER A 4 -1.62 5.55 -12.09
C SER A 4 -2.23 6.96 -12.23
N ARG A 5 -1.61 7.93 -11.58
CA ARG A 5 -1.87 9.34 -11.83
C ARG A 5 -0.60 9.96 -12.42
N ARG A 6 0.24 9.16 -13.10
CA ARG A 6 1.55 9.62 -13.58
C ARG A 6 1.76 9.27 -15.06
N TRP A 7 0.70 9.04 -15.82
CA TRP A 7 0.79 8.71 -17.28
C TRP A 7 0.97 9.99 -18.12
N PHE A 8 0.92 11.17 -17.52
CA PHE A 8 1.18 12.40 -18.24
C PHE A 8 2.66 12.77 -18.11
N HIS A 9 3.32 12.97 -19.24
CA HIS A 9 4.73 13.36 -19.30
C HIS A 9 4.82 14.80 -19.80
N PRO A 10 4.98 15.75 -18.87
CA PRO A 10 4.96 17.16 -19.28
C PRO A 10 6.16 17.65 -20.11
N ASN A 11 7.31 16.99 -20.06
CA ASN A 11 8.52 17.56 -20.68
C ASN A 11 9.12 16.58 -21.70
N ILE A 12 8.37 15.57 -22.11
CA ILE A 12 8.92 14.58 -23.06
C ILE A 12 8.77 15.15 -24.47
N THR A 13 9.51 14.63 -25.45
CA THR A 13 9.36 14.95 -26.89
C THR A 13 8.79 13.72 -27.62
N GLY A 14 8.38 13.87 -28.86
CA GLY A 14 7.77 12.76 -29.62
C GLY A 14 8.65 11.51 -29.65
N VAL A 15 9.95 11.75 -29.73
CA VAL A 15 10.92 10.70 -29.98
C VAL A 15 11.25 10.01 -28.65
N GLU A 16 11.35 10.80 -27.59
CA GLU A 16 11.47 10.25 -26.26
C GLU A 16 10.24 9.37 -25.98
N ALA A 17 9.04 9.84 -26.33
CA ALA A 17 7.81 9.08 -26.09
C ALA A 17 7.83 7.76 -26.87
N GLU A 18 8.29 7.76 -28.11
CA GLU A 18 8.34 6.51 -28.88
C GLU A 18 9.34 5.53 -28.26
N ASN A 19 10.54 6.02 -27.93
CA ASN A 19 11.60 5.15 -27.44
C ASN A 19 11.20 4.56 -26.09
N LEU A 20 10.55 5.38 -25.28
CA LEU A 20 10.03 4.98 -23.99
C LEU A 20 9.04 3.82 -24.16
N LEU A 21 8.04 4.01 -25.02
CA LEU A 21 7.05 2.97 -25.22
C LEU A 21 7.70 1.70 -25.78
N LEU A 22 8.72 1.86 -26.63
CA LEU A 22 9.32 0.72 -27.31
C LEU A 22 10.32 -0.01 -26.41
N THR A 23 11.00 0.72 -25.52
CA THR A 23 12.03 0.12 -24.67
C THR A 23 11.42 -0.31 -23.32
N ARG A 24 10.45 0.44 -22.81
CA ARG A 24 9.95 0.20 -21.44
C ARG A 24 8.49 -0.29 -21.44
N GLY A 25 7.78 -0.20 -22.57
CA GLY A 25 6.40 -0.59 -22.64
C GLY A 25 6.20 -1.83 -23.46
N VAL A 26 4.95 -2.20 -23.60
CA VAL A 26 4.53 -3.35 -24.37
C VAL A 26 3.24 -2.94 -25.12
N ASP A 27 2.70 -3.81 -25.96
CA ASP A 27 1.47 -3.48 -26.66
C ASP A 27 0.37 -3.17 -25.66
N GLY A 28 -0.23 -1.99 -25.80
CA GLY A 28 -1.26 -1.53 -24.90
C GLY A 28 -0.74 -0.48 -23.94
N SER A 29 0.58 -0.33 -23.86
CA SER A 29 1.18 0.79 -23.12
C SER A 29 0.83 2.13 -23.77
N PHE A 30 0.67 3.17 -22.95
CA PHE A 30 0.41 4.48 -23.44
C PHE A 30 0.87 5.53 -22.45
N LEU A 31 1.03 6.74 -22.98
CA LEU A 31 1.22 7.95 -22.21
C LEU A 31 0.59 9.15 -22.94
N ALA A 32 0.32 10.21 -22.21
CA ALA A 32 -0.10 11.47 -22.79
C ALA A 32 1.01 12.49 -22.57
N ARG A 33 1.06 13.49 -23.44
CA ARG A 33 2.07 14.53 -23.41
C ARG A 33 1.56 15.79 -24.13
N PRO A 34 2.09 16.95 -23.77
CA PRO A 34 1.70 18.19 -24.40
C PRO A 34 2.50 18.40 -25.68
N SER A 35 1.98 19.15 -26.64
CA SER A 35 2.81 19.66 -27.76
C SER A 35 3.78 20.71 -27.22
N LYS A 36 4.94 20.84 -27.87
CA LYS A 36 5.87 21.89 -27.51
C LYS A 36 5.38 23.22 -28.10
N SER A 37 4.79 23.15 -29.29
CA SER A 37 4.57 24.33 -30.13
C SER A 37 3.17 24.94 -29.90
N ASN A 38 2.14 24.10 -29.82
CA ASN A 38 0.77 24.59 -29.88
C ASN A 38 0.06 24.19 -28.59
N PRO A 39 0.18 25.03 -27.54
CA PRO A 39 -0.66 24.92 -26.35
C PRO A 39 -2.12 24.60 -26.72
N GLY A 40 -2.72 23.72 -25.93
CA GLY A 40 -4.04 23.19 -26.26
C GLY A 40 -3.95 21.95 -27.12
N ASP A 41 -2.77 21.63 -27.66
CA ASP A 41 -2.63 20.39 -28.36
C ASP A 41 -1.93 19.42 -27.39
N PHE A 42 -2.39 18.18 -27.44
CA PHE A 42 -1.84 17.09 -26.65
C PHE A 42 -1.76 15.88 -27.59
N THR A 43 -0.95 14.89 -27.23
CA THR A 43 -0.84 13.65 -27.95
C THR A 43 -1.01 12.50 -26.95
N LEU A 44 -1.84 11.54 -27.31
CA LEU A 44 -1.87 10.21 -26.65
C LEU A 44 -0.95 9.29 -27.44
N SER A 45 0.19 8.90 -26.87
CA SER A 45 1.09 7.96 -27.53
C SER A 45 0.80 6.53 -27.07
N VAL A 46 0.64 5.59 -28.01
CA VAL A 46 0.18 4.22 -27.71
C VAL A 46 1.02 3.20 -28.48
N ARG A 47 1.52 2.19 -27.79
CA ARG A 47 2.14 1.07 -28.43
C ARG A 47 1.07 0.06 -28.86
N ARG A 48 1.15 -0.39 -30.11
CA ARG A 48 0.30 -1.49 -30.58
C ARG A 48 1.01 -2.18 -31.75
N ASN A 49 0.92 -3.51 -31.80
CA ASN A 49 1.57 -4.30 -32.85
C ASN A 49 3.05 -3.94 -32.97
N GLY A 50 3.71 -3.63 -31.86
CA GLY A 50 5.19 -3.43 -31.83
C GLY A 50 5.61 -2.10 -32.45
N ALA A 51 4.69 -1.16 -32.56
CA ALA A 51 4.97 0.18 -33.07
C ALA A 51 4.11 1.17 -32.28
N VAL A 52 4.45 2.46 -32.39
CA VAL A 52 3.80 3.53 -31.64
C VAL A 52 2.89 4.31 -32.58
N THR A 53 1.68 4.58 -32.13
CA THR A 53 0.73 5.48 -32.77
C THR A 53 0.59 6.73 -31.90
N HIS A 54 0.52 7.87 -32.57
CA HIS A 54 0.29 9.13 -31.90
C HIS A 54 -1.10 9.64 -32.27
N ILE A 55 -1.93 9.85 -31.26
CA ILE A 55 -3.28 10.31 -31.50
C ILE A 55 -3.38 11.72 -30.92
N LYS A 56 -3.83 12.62 -31.79
CA LYS A 56 -3.98 14.04 -31.41
C LYS A 56 -5.25 14.28 -30.61
N ILE A 57 -5.06 15.14 -29.63
CA ILE A 57 -6.09 15.66 -28.82
C ILE A 57 -5.95 17.19 -28.89
N GLN A 58 -7.07 17.83 -29.15
CA GLN A 58 -7.11 19.25 -29.29
C GLN A 58 -8.04 19.82 -28.21
N ASN A 59 -7.65 20.93 -27.64
CA ASN A 59 -8.53 21.65 -26.74
C ASN A 59 -8.42 23.15 -27.07
N THR A 60 -9.51 23.77 -27.52
CA THR A 60 -9.47 25.21 -27.83
C THR A 60 -10.19 26.02 -26.75
N GLY A 61 -10.67 25.34 -25.73
CA GLY A 61 -11.29 26.05 -24.61
C GLY A 61 -12.58 25.38 -24.14
N ASP A 62 -13.16 24.48 -24.92
CA ASP A 62 -14.48 23.93 -24.52
C ASP A 62 -14.45 22.47 -23.99
N TYR A 63 -13.48 21.65 -24.45
CA TYR A 63 -13.36 20.21 -24.11
C TYR A 63 -12.10 19.66 -24.79
N TYR A 64 -11.69 18.46 -24.39
CA TYR A 64 -10.62 17.74 -25.06
C TYR A 64 -11.26 16.97 -26.19
N ASP A 65 -10.79 17.18 -27.38
CA ASP A 65 -11.32 16.47 -28.55
C ASP A 65 -10.27 15.51 -29.05
N LEU A 66 -10.52 14.22 -28.85
CA LEU A 66 -9.63 13.15 -29.28
C LEU A 66 -9.97 12.80 -30.74
N TYR A 67 -8.99 12.88 -31.62
CA TYR A 67 -9.18 12.46 -33.04
C TYR A 67 -9.56 10.97 -33.07
N GLY A 68 -10.69 10.67 -33.71
CA GLY A 68 -11.18 9.29 -33.82
C GLY A 68 -11.69 8.75 -32.49
N GLY A 69 -11.91 9.62 -31.51
CA GLY A 69 -12.61 9.26 -30.30
C GLY A 69 -13.64 10.32 -29.92
N GLU A 70 -13.87 10.46 -28.63
CA GLU A 70 -14.96 11.30 -28.14
C GLU A 70 -14.37 12.60 -27.56
N LYS A 71 -15.26 13.42 -27.04
CA LYS A 71 -14.87 14.66 -26.37
C LYS A 71 -14.92 14.45 -24.86
N PHE A 72 -13.95 15.01 -24.13
CA PHE A 72 -13.83 14.75 -22.67
C PHE A 72 -13.60 16.05 -21.91
N ALA A 73 -14.00 16.06 -20.63
CA ALA A 73 -13.82 17.20 -19.73
C ALA A 73 -12.38 17.28 -19.20
N THR A 74 -11.73 16.13 -19.02
CA THR A 74 -10.35 16.08 -18.51
C THR A 74 -9.60 14.92 -19.15
N LEU A 75 -8.28 15.00 -19.22
CA LEU A 75 -7.51 13.85 -19.74
C LEU A 75 -7.70 12.61 -18.86
N ALA A 76 -7.79 12.77 -17.54
CA ALA A 76 -8.02 11.63 -16.67
C ALA A 76 -9.33 10.93 -17.00
N GLU A 77 -10.40 11.69 -17.27
CA GLU A 77 -11.70 11.09 -17.60
C GLU A 77 -11.61 10.35 -18.93
N LEU A 78 -10.84 10.89 -19.87
CA LEU A 78 -10.59 10.28 -21.17
C LEU A 78 -9.90 8.93 -21.00
N VAL A 79 -8.85 8.93 -20.18
CA VAL A 79 -8.07 7.74 -19.93
C VAL A 79 -8.96 6.70 -19.22
N GLN A 80 -9.75 7.11 -18.23
CA GLN A 80 -10.61 6.18 -17.49
C GLN A 80 -11.62 5.53 -18.45
N TYR A 81 -12.18 6.34 -19.33
CA TYR A 81 -13.22 5.88 -20.26
C TYR A 81 -12.65 4.79 -21.19
N TYR A 82 -11.46 5.03 -21.74
CA TYR A 82 -10.93 4.06 -22.69
C TYR A 82 -10.30 2.89 -21.94
N MET A 83 -9.79 3.08 -20.73
CA MET A 83 -9.22 1.93 -20.02
C MET A 83 -10.35 0.95 -19.64
N GLU A 84 -11.62 1.39 -19.60
CA GLU A 84 -12.81 0.52 -19.40
C GLU A 84 -13.45 0.11 -20.74
N HIS A 85 -13.36 0.94 -21.77
CA HIS A 85 -13.91 0.61 -23.11
C HIS A 85 -12.77 0.38 -24.10
N HIS A 86 -12.43 -0.89 -24.33
CA HIS A 86 -11.49 -1.28 -25.37
C HIS A 86 -12.29 -1.60 -26.64
N GLY A 87 -11.70 -1.37 -27.80
CA GLY A 87 -12.43 -1.48 -29.06
C GLY A 87 -13.23 -0.23 -29.38
N GLN A 88 -13.22 0.72 -28.45
CA GLN A 88 -13.99 1.95 -28.56
C GLN A 88 -13.10 3.07 -29.12
N LEU A 89 -11.78 3.01 -28.91
CA LEU A 89 -10.87 3.93 -29.58
C LEU A 89 -10.40 3.29 -30.88
N LYS A 90 -10.69 3.97 -31.97
CA LYS A 90 -10.49 3.44 -33.32
C LYS A 90 -9.48 4.31 -34.08
N GLU A 91 -8.68 3.63 -34.88
CA GLU A 91 -7.78 4.27 -35.81
C GLU A 91 -8.57 4.64 -37.06
N LYS A 92 -8.02 5.52 -37.90
CA LYS A 92 -8.69 5.90 -39.16
C LYS A 92 -8.91 4.65 -40.04
N ASN A 93 -8.03 3.66 -39.93
CA ASN A 93 -8.23 2.32 -40.55
C ASN A 93 -9.56 1.69 -40.11
N GLY A 94 -10.01 2.01 -38.90
CA GLY A 94 -11.16 1.34 -38.29
C GLY A 94 -10.73 0.22 -37.35
N ASP A 95 -9.41 0.11 -37.11
CA ASP A 95 -8.85 -0.89 -36.20
C ASP A 95 -8.86 -0.35 -34.77
N VAL A 96 -8.88 -1.26 -33.80
CA VAL A 96 -9.05 -0.88 -32.40
C VAL A 96 -7.68 -0.57 -31.80
N ILE A 97 -7.61 0.53 -31.06
CA ILE A 97 -6.41 0.86 -30.33
C ILE A 97 -6.71 0.66 -28.84
N GLU A 98 -5.98 -0.24 -28.18
CA GLU A 98 -6.27 -0.54 -26.76
C GLU A 98 -5.34 0.29 -25.84
N LEU A 99 -5.94 0.99 -24.89
CA LEU A 99 -5.22 1.59 -23.78
C LEU A 99 -5.27 0.61 -22.59
N LYS A 100 -4.17 -0.06 -22.33
CA LYS A 100 -4.14 -1.09 -21.26
C LYS A 100 -3.23 -0.66 -20.11
N TYR A 101 -2.01 -0.19 -20.39
CA TYR A 101 -0.93 -0.09 -19.38
C TYR A 101 -0.33 1.32 -19.37
N PRO A 102 -0.81 2.18 -18.45
CA PRO A 102 -0.17 3.49 -18.41
C PRO A 102 1.34 3.31 -18.20
N LEU A 103 2.13 4.16 -18.87
CA LEU A 103 3.57 4.22 -18.73
C LEU A 103 3.89 5.46 -17.88
N ASN A 104 4.36 5.22 -16.66
CA ASN A 104 4.48 6.29 -15.66
C ASN A 104 5.68 7.21 -15.93
N CYS A 105 5.51 8.47 -15.55
CA CYS A 105 6.53 9.51 -15.67
C CYS A 105 7.22 9.69 -14.31
N ALA A 106 8.55 9.87 -14.31
CA ALA A 106 9.29 10.01 -13.06
C ALA A 106 9.44 11.49 -12.70
N ASP A 107 9.25 12.38 -13.68
CA ASP A 107 9.49 13.83 -13.52
C ASP A 107 8.66 14.40 -12.36
N PRO A 108 9.31 14.98 -11.34
CA PRO A 108 8.54 15.52 -10.19
C PRO A 108 8.08 16.98 -10.27
N THR A 109 8.43 17.70 -11.33
CA THR A 109 8.18 19.17 -11.42
C THR A 109 6.68 19.53 -11.35
N SER A 110 5.76 18.62 -11.62
CA SER A 110 4.34 18.95 -11.54
C SER A 110 3.76 18.63 -10.16
N GLU A 111 4.59 18.17 -9.21
CA GLU A 111 4.08 17.87 -7.89
C GLU A 111 4.11 19.14 -7.05
N ARG A 112 3.05 19.36 -6.28
CA ARG A 112 2.90 20.55 -5.46
C ARG A 112 4.04 20.67 -4.44
N TRP A 113 4.55 19.53 -3.98
CA TRP A 113 5.59 19.50 -2.91
C TRP A 113 6.99 19.68 -3.49
N PHE A 114 7.17 19.70 -4.82
CA PHE A 114 8.52 19.84 -5.41
C PHE A 114 8.84 21.33 -5.63
N HIS A 115 10.01 21.76 -5.16
CA HIS A 115 10.44 23.16 -5.19
C HIS A 115 11.77 23.33 -5.94
N GLY A 116 12.34 22.27 -6.48
CA GLY A 116 13.55 22.37 -7.28
C GLY A 116 14.69 23.09 -6.54
N HIS A 117 15.17 24.19 -7.15
CA HIS A 117 16.33 24.95 -6.64
C HIS A 117 15.91 25.74 -5.40
N LEU A 118 16.23 25.21 -4.23
CA LEU A 118 15.89 25.89 -2.99
C LEU A 118 16.85 25.40 -1.90
N SER A 119 17.46 26.34 -1.18
CA SER A 119 18.36 26.01 -0.10
C SER A 119 17.57 25.58 1.14
N GLY A 120 18.21 24.85 2.03
CA GLY A 120 17.61 24.48 3.31
C GLY A 120 17.21 25.69 4.13
N LYS A 121 17.94 26.80 3.99
CA LYS A 121 17.69 28.02 4.76
C LYS A 121 16.37 28.66 4.30
N GLU A 122 16.14 28.81 2.99
CA GLU A 122 14.86 29.34 2.47
C GLU A 122 13.70 28.36 2.73
N ALA A 123 14.03 27.06 2.83
CA ALA A 123 13.02 26.05 3.13
C ALA A 123 12.56 26.21 4.58
N GLU A 124 13.50 26.46 5.47
CA GLU A 124 13.17 26.61 6.89
C GLU A 124 12.29 27.86 7.06
N LYS A 125 12.57 28.91 6.29
CA LYS A 125 11.83 30.18 6.42
C LYS A 125 10.39 29.98 5.94
N LEU A 126 10.23 29.32 4.80
CA LEU A 126 8.89 29.10 4.22
C LEU A 126 8.07 28.17 5.13
N LEU A 127 8.69 27.11 5.68
CA LEU A 127 7.95 26.18 6.54
C LEU A 127 7.59 26.88 7.86
N THR A 128 8.46 27.77 8.33
CA THR A 128 8.20 28.53 9.55
C THR A 128 7.12 29.57 9.33
N GLU A 129 7.10 30.18 8.14
CA GLU A 129 6.16 31.25 7.83
C GLU A 129 4.83 30.67 7.38
N LYS A 130 4.85 29.81 6.37
CA LYS A 130 3.65 29.34 5.70
C LYS A 130 3.25 27.94 6.18
N GLY A 131 4.11 27.27 6.93
CA GLY A 131 3.90 25.83 7.16
C GLY A 131 3.26 25.53 8.51
N LYS A 132 2.69 24.34 8.55
CA LYS A 132 1.96 23.84 9.69
C LYS A 132 2.57 22.49 10.06
N HIS A 133 2.17 21.91 11.18
CA HIS A 133 2.50 20.52 11.44
C HIS A 133 2.22 19.66 10.21
N GLY A 134 3.22 18.89 9.78
CA GLY A 134 3.06 17.97 8.67
C GLY A 134 3.26 18.61 7.31
N SER A 135 3.61 19.91 7.30
CA SER A 135 3.86 20.59 6.01
C SER A 135 5.23 20.16 5.50
N PHE A 136 5.35 19.85 4.23
CA PHE A 136 6.63 19.31 3.75
C PHE A 136 6.90 19.79 2.32
N LEU A 137 8.15 19.65 1.90
CA LEU A 137 8.58 19.92 0.54
C LEU A 137 9.78 19.04 0.20
N VAL A 138 10.01 18.88 -1.10
CA VAL A 138 11.21 18.26 -1.63
C VAL A 138 11.96 19.29 -2.47
N ARG A 139 13.29 19.29 -2.32
CA ARG A 139 14.19 20.24 -2.99
C ARG A 139 15.49 19.56 -3.41
N GLU A 140 16.20 20.17 -4.35
CA GLU A 140 17.54 19.71 -4.73
C GLU A 140 18.53 20.02 -3.61
N SER A 141 19.47 19.10 -3.43
CA SER A 141 20.46 19.20 -2.41
C SER A 141 21.54 20.21 -2.84
N GLN A 142 21.99 20.99 -1.87
CA GLN A 142 23.07 21.94 -2.07
C GLN A 142 24.41 21.27 -1.73
N SER A 143 24.41 20.38 -0.75
CA SER A 143 25.65 19.77 -0.29
C SER A 143 26.04 18.60 -1.20
N HIS A 144 25.08 17.90 -1.77
CA HIS A 144 25.37 16.73 -2.60
C HIS A 144 24.65 16.88 -3.93
N PRO A 145 25.30 17.57 -4.89
CA PRO A 145 24.71 17.86 -6.20
C PRO A 145 24.18 16.59 -6.88
N GLY A 146 22.90 16.60 -7.26
CA GLY A 146 22.23 15.48 -7.90
C GLY A 146 21.25 14.77 -6.96
N ASP A 147 21.44 14.98 -5.67
CA ASP A 147 20.55 14.43 -4.66
C ASP A 147 19.42 15.40 -4.32
N PHE A 148 18.55 14.94 -3.43
CA PHE A 148 17.39 15.72 -3.04
C PHE A 148 17.30 15.69 -1.51
N VAL A 149 16.46 16.57 -0.99
CA VAL A 149 16.23 16.73 0.42
C VAL A 149 14.72 16.86 0.63
N LEU A 150 14.21 16.13 1.62
CA LEU A 150 12.83 16.27 2.06
C LEU A 150 12.85 17.09 3.36
N SER A 151 12.12 18.19 3.35
CA SER A 151 12.04 19.09 4.51
C SER A 151 10.61 19.10 5.06
N VAL A 152 10.45 18.85 6.37
CA VAL A 152 9.14 18.62 7.00
C VAL A 152 9.05 19.43 8.30
N ARG A 153 7.94 20.12 8.50
CA ARG A 153 7.68 20.76 9.79
C ARG A 153 6.84 19.82 10.66
N THR A 154 7.21 19.70 11.94
CA THR A 154 6.38 18.98 12.91
C THR A 154 6.27 19.82 14.19
N GLY A 155 5.30 19.49 15.03
CA GLY A 155 5.10 20.16 16.30
C GLY A 155 3.72 20.78 16.40
N ASP A 156 3.64 21.89 17.13
CA ASP A 156 2.39 22.49 17.58
C ASP A 156 2.02 23.74 16.75
N ASP A 157 0.75 23.88 16.39
CA ASP A 157 0.29 25.03 15.57
C ASP A 157 -0.28 26.18 16.43
N LYS A 158 0.04 26.16 17.73
CA LYS A 158 -0.55 27.09 18.69
C LYS A 158 0.55 27.69 19.56
N ASN A 162 6.77 31.16 18.07
CA ASN A 162 8.06 30.50 17.83
C ASN A 162 8.67 30.09 19.18
N ASP A 163 7.89 29.31 19.92
CA ASP A 163 8.24 28.82 21.26
C ASP A 163 9.26 27.70 21.26
N GLY A 164 9.38 26.97 20.15
CA GLY A 164 10.33 25.87 20.04
C GLY A 164 9.69 24.50 20.17
N LYS A 165 8.36 24.39 20.09
CA LYS A 165 7.73 23.06 20.12
C LYS A 165 7.22 22.72 18.72
N SER A 166 7.73 23.48 17.75
CA SER A 166 7.72 23.11 16.35
C SER A 166 9.18 22.99 15.89
N LYS A 167 9.41 22.27 14.80
CA LYS A 167 10.77 22.13 14.28
C LYS A 167 10.70 21.69 12.82
N VAL A 168 11.83 21.87 12.13
CA VAL A 168 11.96 21.37 10.76
C VAL A 168 13.06 20.30 10.75
N THR A 169 12.79 19.18 10.09
CA THR A 169 13.73 18.08 9.92
C THR A 169 14.05 17.93 8.43
N HIS A 170 15.34 17.77 8.09
CA HIS A 170 15.76 17.61 6.69
C HIS A 170 16.28 16.18 6.46
N VAL A 171 15.62 15.44 5.57
CA VAL A 171 15.98 14.05 5.27
C VAL A 171 16.65 14.01 3.90
N MET A 172 17.91 13.57 3.84
CA MET A 172 18.63 13.41 2.55
C MET A 172 17.97 12.29 1.74
N ILE A 173 17.74 12.57 0.47
CA ILE A 173 17.26 11.59 -0.52
C ILE A 173 18.39 11.39 -1.54
N ARG A 174 18.93 10.17 -1.59
CA ARG A 174 19.96 9.81 -2.57
C ARG A 174 19.30 9.42 -3.88
N CYS A 175 19.85 9.90 -4.98
CA CYS A 175 19.48 9.44 -6.31
C CYS A 175 20.66 8.59 -6.83
N GLN A 176 20.42 7.30 -7.02
CA GLN A 176 21.47 6.37 -7.41
C GLN A 176 20.95 5.51 -8.57
N GLU A 177 21.50 5.76 -9.76
CA GLU A 177 21.08 5.08 -11.00
C GLU A 177 19.57 5.27 -11.22
N LEU A 178 19.14 6.51 -11.06
CA LEU A 178 17.78 6.96 -11.35
C LEU A 178 16.76 6.28 -10.43
N LYS A 179 17.21 5.80 -9.28
CA LYS A 179 16.32 5.34 -8.23
C LYS A 179 16.64 6.17 -6.98
N TYR A 180 15.63 6.35 -6.15
CA TYR A 180 15.69 7.27 -5.00
C TYR A 180 15.50 6.53 -3.69
N ASP A 181 16.29 6.86 -2.69
CA ASP A 181 16.16 6.26 -1.38
C ASP A 181 16.53 7.26 -0.29
N VAL A 182 16.17 6.94 0.96
CA VAL A 182 16.49 7.83 2.10
C VAL A 182 17.67 7.26 2.89
N GLY A 183 18.56 6.52 2.24
CA GLY A 183 19.76 6.05 2.86
C GLY A 183 19.63 4.63 3.40
N GLY A 184 18.48 3.98 3.19
CA GLY A 184 18.32 2.56 3.56
C GLY A 184 16.96 2.06 3.08
N GLY A 185 16.79 0.74 2.97
CA GLY A 185 15.49 0.17 2.66
C GLY A 185 15.19 0.16 1.17
N GLU A 186 14.04 0.69 0.84
CA GLU A 186 13.50 0.52 -0.49
C GLU A 186 14.09 1.61 -1.42
N ARG A 187 14.38 1.22 -2.66
CA ARG A 187 14.83 2.13 -3.75
C ARG A 187 13.68 2.31 -4.75
N PHE A 188 13.24 3.55 -4.90
CA PHE A 188 12.03 3.91 -5.64
C PHE A 188 12.35 4.43 -7.04
N ASP A 189 11.42 4.19 -7.97
CA ASP A 189 11.57 4.61 -9.36
C ASP A 189 11.44 6.10 -9.57
N SER A 190 10.74 6.79 -8.65
CA SER A 190 10.49 8.24 -8.76
C SER A 190 10.42 8.86 -7.36
N LEU A 191 10.66 10.18 -7.29
CA LEU A 191 10.46 10.91 -6.04
C LEU A 191 9.00 10.81 -5.63
N THR A 192 8.09 10.82 -6.61
CA THR A 192 6.67 10.69 -6.34
C THR A 192 6.40 9.38 -5.57
N ASP A 193 6.97 8.26 -6.02
CA ASP A 193 6.79 6.97 -5.33
C ASP A 193 7.39 6.99 -3.91
N LEU A 194 8.58 7.61 -3.77
CA LEU A 194 9.18 7.76 -2.43
C LEU A 194 8.22 8.53 -1.50
N VAL A 195 7.73 9.68 -1.98
CA VAL A 195 6.89 10.57 -1.16
C VAL A 195 5.60 9.81 -0.80
N GLU A 196 4.97 9.18 -1.78
CA GLU A 196 3.74 8.44 -1.53
C GLU A 196 3.98 7.34 -0.49
N HIS A 197 5.14 6.66 -0.55
CA HIS A 197 5.42 5.59 0.39
C HIS A 197 5.55 6.13 1.82
N TYR A 198 6.18 7.28 2.01
CA TYR A 198 6.46 7.74 3.38
C TYR A 198 5.31 8.62 3.86
N LYS A 199 4.42 9.00 2.95
CA LYS A 199 3.11 9.54 3.31
C LYS A 199 2.28 8.41 3.95
N LYS A 200 2.34 7.20 3.40
CA LYS A 200 1.62 6.03 3.96
C LYS A 200 2.31 5.55 5.24
N ASN A 201 3.62 5.32 5.14
CA ASN A 201 4.41 4.66 6.16
C ASN A 201 5.46 5.66 6.67
N PRO A 202 5.03 6.64 7.48
CA PRO A 202 5.93 7.72 7.87
C PRO A 202 7.19 7.26 8.60
N MET A 203 8.24 8.05 8.43
CA MET A 203 9.50 7.84 9.10
C MET A 203 9.37 8.30 10.56
N VAL A 204 10.01 7.57 11.44
CA VAL A 204 9.98 7.87 12.88
C VAL A 204 11.43 8.15 13.30
N GLU A 205 11.70 9.31 13.90
CA GLU A 205 13.06 9.61 14.42
C GLU A 205 13.37 8.69 15.61
N THR A 206 14.66 8.59 15.94
CA THR A 206 15.16 7.75 17.03
C THR A 206 14.39 8.03 18.32
N LEU A 207 14.04 9.29 18.56
CA LEU A 207 13.43 9.70 19.83
C LEU A 207 11.92 9.92 19.63
N GLY A 208 11.34 9.39 18.56
CA GLY A 208 9.88 9.21 18.47
C GLY A 208 9.18 10.16 17.52
N THR A 209 9.74 11.33 17.21
CA THR A 209 8.98 12.22 16.35
C THR A 209 8.61 11.44 15.07
N VAL A 210 7.33 11.46 14.74
CA VAL A 210 6.85 10.89 13.50
C VAL A 210 6.93 11.98 12.45
N LEU A 211 7.63 11.72 11.34
CA LEU A 211 7.71 12.73 10.28
C LEU A 211 6.52 12.59 9.33
N GLN A 212 5.40 13.10 9.83
CA GLN A 212 4.13 13.03 9.16
C GLN A 212 4.20 13.94 7.93
N LEU A 213 3.91 13.40 6.74
CA LEU A 213 3.84 14.21 5.51
C LEU A 213 2.37 14.50 5.19
N LYS A 214 1.83 15.57 5.77
CA LYS A 214 0.38 15.81 5.78
C LYS A 214 -0.05 16.59 4.54
N GLN A 215 0.70 17.64 4.20
CA GLN A 215 0.29 18.54 3.10
C GLN A 215 1.51 19.32 2.59
N PRO A 216 1.59 19.52 1.27
CA PRO A 216 2.65 20.34 0.70
C PRO A 216 2.57 21.81 1.16
N LEU A 217 3.68 22.51 1.04
CA LEU A 217 3.68 23.93 1.33
C LEU A 217 2.85 24.68 0.28
N ASN A 218 2.08 25.67 0.69
CA ASN A 218 1.32 26.51 -0.24
C ASN A 218 2.25 27.55 -0.86
N THR A 219 2.34 27.55 -2.19
CA THR A 219 3.19 28.51 -2.91
C THR A 219 2.37 29.35 -3.90
N THR A 220 1.05 29.21 -3.91
CA THR A 220 0.20 29.81 -4.94
C THR A 220 -0.61 30.99 -4.35
N ARG A 221 -0.93 30.93 -3.06
CA ARG A 221 -1.63 32.05 -2.40
C ARG A 221 -0.81 33.35 -2.48
N ILE A 222 -1.45 34.46 -2.86
CA ILE A 222 -0.83 35.82 -2.83
C ILE A 222 -1.78 36.82 -2.18
N ASN A 223 -1.20 37.89 -1.65
CA ASN A 223 -1.97 39.07 -1.34
C ASN A 223 -2.39 39.74 -2.65
N ALA A 224 -3.69 39.92 -2.82
CA ALA A 224 -4.28 40.44 -4.05
C ALA A 224 -3.60 41.75 -4.46
N ALA A 225 -3.15 42.54 -3.50
CA ALA A 225 -2.49 43.82 -3.77
C ALA A 225 -1.15 43.60 -4.48
N GLU A 226 -0.51 42.45 -4.30
CA GLU A 226 0.77 42.16 -4.95
C GLU A 226 0.54 41.34 -6.25
N ILE A 227 -0.68 41.34 -6.79
CA ILE A 227 -1.02 40.53 -7.98
C ILE A 227 -0.07 40.87 -9.14
N GLU A 228 0.27 42.15 -9.28
CA GLU A 228 1.09 42.63 -10.39
C GLU A 228 2.46 41.93 -10.37
N SER A 229 3.10 41.88 -9.20
CA SER A 229 4.37 41.15 -8.99
C SER A 229 4.27 39.69 -9.43
N ARG A 230 3.18 39.02 -9.05
CA ARG A 230 3.03 37.59 -9.36
C ARG A 230 2.87 37.38 -10.87
N VAL A 231 2.06 38.23 -11.52
CA VAL A 231 1.78 38.10 -12.96
C VAL A 231 3.07 38.36 -13.76
N ARG A 232 3.78 39.44 -13.47
CA ARG A 232 5.12 39.67 -14.02
C ARG A 232 6.00 38.42 -13.79
N GLU A 233 6.08 37.98 -12.53
CA GLU A 233 6.84 36.78 -12.15
C GLU A 233 6.40 35.56 -12.96
N LEU A 234 5.08 35.32 -13.10
CA LEU A 234 4.59 34.12 -13.79
C LEU A 234 4.76 34.24 -15.31
N SER A 235 5.00 35.46 -15.82
CA SER A 235 5.10 35.68 -17.26
C SER A 235 6.51 35.37 -17.79
N LYS A 236 7.48 35.05 -16.94
CA LYS A 236 8.76 34.52 -17.42
C LYS A 236 9.21 33.34 -16.54
N GLY A 247 6.66 29.97 -14.15
CA GLY A 247 5.84 30.36 -15.28
C GLY A 247 4.37 29.99 -15.07
N PHE A 248 3.52 30.64 -15.84
CA PHE A 248 2.12 30.27 -15.90
C PHE A 248 1.97 28.79 -16.25
N TRP A 249 2.83 28.33 -17.17
CA TRP A 249 2.72 26.96 -17.67
C TRP A 249 2.91 25.93 -16.55
N GLU A 250 3.94 26.10 -15.73
CA GLU A 250 4.25 25.14 -14.68
C GLU A 250 3.17 25.16 -13.61
N GLU A 251 2.65 26.34 -13.28
CA GLU A 251 1.64 26.46 -12.26
C GLU A 251 0.38 25.76 -12.77
N PHE A 252 0.02 26.01 -14.02
CA PHE A 252 -1.14 25.33 -14.59
C PHE A 252 -0.89 23.82 -14.59
N GLU A 253 0.32 23.41 -14.96
CA GLU A 253 0.65 21.98 -15.03
C GLU A 253 0.42 21.30 -13.66
N THR A 254 0.95 21.92 -12.61
CA THR A 254 0.78 21.43 -11.24
C THR A 254 -0.71 21.29 -10.88
N LEU A 255 -1.49 22.29 -11.24
CA LEU A 255 -2.94 22.19 -11.05
C LEU A 255 -3.55 21.03 -11.85
N GLN A 256 -3.18 20.91 -13.13
CA GLN A 256 -3.76 19.85 -13.99
C GLN A 256 -3.41 18.46 -13.42
N GLN A 257 -2.19 18.32 -12.89
CA GLN A 257 -1.78 17.05 -12.31
C GLN A 257 -2.74 16.60 -11.19
N GLN A 258 -3.41 17.56 -10.54
CA GLN A 258 -4.27 17.26 -9.39
CA GLN A 258 -4.27 17.26 -9.38
C GLN A 258 -5.65 16.75 -9.85
N GLU A 259 -5.91 16.68 -11.16
CA GLU A 259 -7.26 16.30 -11.62
C GLU A 259 -7.49 14.79 -11.49
N CYS A 260 -6.41 14.03 -11.32
CA CYS A 260 -6.54 12.60 -11.06
C CYS A 260 -7.26 12.36 -9.72
N LYS A 261 -7.33 13.35 -8.81
CA LYS A 261 -8.06 13.20 -7.53
C LYS A 261 -9.58 13.35 -7.70
N LEU A 262 -10.06 13.73 -8.88
CA LEU A 262 -11.43 14.24 -9.01
C LEU A 262 -12.29 13.33 -9.88
N LEU A 263 -11.99 12.05 -9.90
CA LEU A 263 -12.78 11.14 -10.75
C LEU A 263 -13.99 10.66 -9.96
N TYR A 264 -14.85 11.60 -9.57
CA TYR A 264 -16.06 11.30 -8.85
C TYR A 264 -17.10 10.67 -9.78
N SER A 265 -18.06 9.95 -9.19
CA SER A 265 -19.01 9.22 -10.02
C SER A 265 -19.96 10.18 -10.75
N ARG A 266 -20.39 9.71 -11.91
CA ARG A 266 -21.30 10.41 -12.78
C ARG A 266 -22.35 9.42 -13.30
N LYS A 267 -22.86 8.57 -12.42
CA LYS A 267 -23.67 7.42 -12.85
C LYS A 267 -25.03 7.86 -13.41
N GLU A 268 -25.62 8.92 -12.87
CA GLU A 268 -26.97 9.33 -13.29
C GLU A 268 -26.94 9.78 -14.76
N GLY A 269 -25.92 10.53 -15.12
CA GLY A 269 -25.74 10.97 -16.50
C GLY A 269 -25.43 9.84 -17.49
N GLN A 270 -24.85 8.72 -17.00
CA GLN A 270 -24.49 7.53 -17.82
C GLN A 270 -25.68 6.57 -17.95
N ARG A 271 -26.85 6.89 -17.37
CA ARG A 271 -28.03 6.02 -17.48
C ARG A 271 -28.61 6.12 -18.89
N GLN A 272 -29.05 4.97 -19.40
CA GLN A 272 -29.62 4.86 -20.76
C GLN A 272 -30.67 5.95 -20.97
N GLU A 273 -31.50 6.17 -19.96
CA GLU A 273 -32.64 7.07 -20.04
C GLU A 273 -32.17 8.52 -20.15
N ASN A 274 -30.92 8.79 -19.84
CA ASN A 274 -30.45 10.20 -19.80
C ASN A 274 -29.47 10.50 -20.94
N LYS A 275 -29.18 9.51 -21.79
CA LYS A 275 -28.10 9.65 -22.78
C LYS A 275 -28.33 10.87 -23.68
N ASN A 276 -29.54 11.06 -24.21
CA ASN A 276 -29.77 12.10 -25.24
C ASN A 276 -30.06 13.46 -24.58
N LYS A 277 -29.91 13.54 -23.27
CA LYS A 277 -30.00 14.84 -22.57
C LYS A 277 -28.61 15.46 -22.35
N ASN A 278 -27.55 14.81 -22.81
CA ASN A 278 -26.17 15.29 -22.73
C ASN A 278 -25.73 15.77 -24.11
N ARG A 279 -25.22 16.99 -24.23
CA ARG A 279 -24.70 17.49 -25.49
C ARG A 279 -23.51 16.62 -25.92
N TYR A 280 -22.65 16.23 -24.98
CA TYR A 280 -21.48 15.42 -25.24
C TYR A 280 -21.58 14.18 -24.34
N LYS A 281 -21.53 12.98 -24.89
CA LYS A 281 -21.95 11.78 -24.10
C LYS A 281 -21.03 11.50 -22.90
N ASN A 282 -19.81 12.03 -22.86
CA ASN A 282 -18.86 11.73 -21.80
C ASN A 282 -18.58 12.95 -20.92
N ILE A 283 -19.30 14.04 -21.14
CA ILE A 283 -19.19 15.23 -20.32
C ILE A 283 -20.48 15.32 -19.53
N LEU A 284 -20.35 14.90 -18.27
CA LEU A 284 -21.46 14.56 -17.44
C LEU A 284 -21.28 15.25 -16.09
N PRO A 285 -22.38 15.52 -15.43
CA PRO A 285 -22.36 16.08 -14.11
C PRO A 285 -22.05 15.01 -13.05
N PHE A 286 -21.25 15.42 -12.09
CA PHE A 286 -20.98 14.57 -10.91
C PHE A 286 -22.29 14.31 -10.17
N ASP A 287 -22.48 13.06 -9.70
CA ASP A 287 -23.67 12.70 -8.94
C ASP A 287 -23.82 13.59 -7.70
N HIS A 288 -22.72 13.87 -7.03
CA HIS A 288 -22.80 14.51 -5.69
C HIS A 288 -23.25 15.97 -5.78
N THR A 289 -23.07 16.64 -6.92
CA THR A 289 -23.46 18.05 -7.07
C THR A 289 -24.51 18.33 -8.17
N ARG A 290 -25.04 17.29 -8.82
CA ARG A 290 -25.95 17.48 -9.96
C ARG A 290 -27.22 18.17 -9.46
N VAL A 291 -27.81 18.97 -10.32
CA VAL A 291 -29.11 19.55 -10.03
C VAL A 291 -30.17 18.47 -10.24
N VAL A 292 -30.95 18.18 -9.21
CA VAL A 292 -32.02 17.18 -9.34
C VAL A 292 -33.35 17.90 -9.59
N LEU A 293 -34.08 17.48 -10.63
CA LEU A 293 -35.31 18.13 -10.97
C LEU A 293 -36.45 17.35 -10.32
N HIS A 294 -37.29 18.06 -9.57
CA HIS A 294 -38.43 17.45 -8.93
C HIS A 294 -39.69 17.77 -9.76
N ASP A 295 -40.83 17.28 -9.34
CA ASP A 295 -42.12 17.69 -9.96
C ASP A 295 -42.27 17.33 -11.43
N GLY A 296 -41.61 16.27 -11.88
CA GLY A 296 -41.55 15.96 -13.30
C GLY A 296 -42.87 15.40 -13.82
N ASP A 297 -42.93 15.24 -15.14
CA ASP A 297 -44.02 14.55 -15.80
C ASP A 297 -44.13 13.13 -15.21
N PRO A 298 -45.27 12.79 -14.55
CA PRO A 298 -45.40 11.42 -14.02
C PRO A 298 -45.24 10.32 -15.10
N ASN A 299 -45.53 10.60 -16.37
CA ASN A 299 -45.36 9.61 -17.45
C ASN A 299 -43.87 9.41 -17.75
N GLU A 300 -43.14 10.51 -17.94
CA GLU A 300 -41.70 10.45 -18.25
C GLU A 300 -41.00 9.61 -17.17
N PRO A 301 -40.42 8.45 -17.56
CA PRO A 301 -39.87 7.50 -16.59
C PRO A 301 -38.73 8.12 -15.76
N VAL A 302 -37.82 8.85 -16.41
CA VAL A 302 -36.79 9.63 -15.69
C VAL A 302 -36.96 11.12 -16.05
N SER A 303 -37.38 11.93 -15.07
CA SER A 303 -37.65 13.34 -15.30
C SER A 303 -36.82 14.23 -14.39
N ASP A 304 -35.85 13.65 -13.67
CA ASP A 304 -35.10 14.36 -12.62
C ASP A 304 -33.70 14.78 -13.07
N TYR A 305 -33.38 14.57 -14.36
CA TYR A 305 -31.99 14.76 -14.79
C TYR A 305 -31.86 15.98 -15.71
N ILE A 306 -30.82 16.77 -15.44
CA ILE A 306 -30.28 17.80 -16.36
C ILE A 306 -28.76 17.81 -16.17
N ASN A 307 -28.06 18.12 -17.26
CA ASN A 307 -26.62 18.19 -17.25
C ASN A 307 -26.24 19.57 -16.68
N ALA A 308 -26.23 19.59 -15.35
CA ALA A 308 -25.99 20.80 -14.57
C ALA A 308 -25.49 20.42 -13.17
N ASN A 309 -24.62 21.24 -12.61
CA ASN A 309 -24.12 21.07 -11.23
C ASN A 309 -24.20 22.39 -10.45
N ILE A 310 -24.51 22.31 -9.15
CA ILE A 310 -24.36 23.40 -8.22
C ILE A 310 -22.86 23.56 -7.92
N ILE A 311 -22.42 24.82 -7.96
CA ILE A 311 -21.07 25.20 -7.65
C ILE A 311 -21.17 26.14 -6.44
N MET A 312 -20.58 25.74 -5.31
CA MET A 312 -20.48 26.57 -4.07
C MET A 312 -19.07 27.17 -3.94
N PRO A 313 -18.94 28.49 -3.76
CA PRO A 313 -17.61 28.92 -3.33
C PRO A 313 -17.31 28.33 -1.93
N GLU A 314 -16.05 27.98 -1.66
CA GLU A 314 -15.69 27.28 -0.41
C GLU A 314 -14.25 27.62 -0.03
N LYS A 326 -23.26 33.57 -2.45
CA LYS A 326 -23.66 33.50 -3.87
C LYS A 326 -23.16 32.18 -4.46
N SER A 327 -24.09 31.40 -5.01
CA SER A 327 -23.75 30.13 -5.65
C SER A 327 -24.12 30.20 -7.13
N TYR A 328 -23.67 29.18 -7.88
CA TYR A 328 -23.89 29.11 -9.30
C TYR A 328 -24.44 27.76 -9.70
N ILE A 329 -25.10 27.75 -10.86
CA ILE A 329 -25.36 26.51 -11.56
C ILE A 329 -24.54 26.53 -12.85
N ALA A 330 -23.62 25.56 -13.00
CA ALA A 330 -22.87 25.41 -14.23
C ALA A 330 -23.59 24.38 -15.10
N THR A 331 -23.95 24.72 -16.34
CA THR A 331 -24.74 23.81 -17.17
C THR A 331 -24.29 23.96 -18.63
N GLN A 332 -24.74 23.01 -19.45
CA GLN A 332 -24.46 23.00 -20.88
C GLN A 332 -25.46 23.91 -21.59
N GLY A 333 -25.14 24.30 -22.81
CA GLY A 333 -26.17 24.84 -23.69
C GLY A 333 -27.28 23.84 -23.99
N CYS A 334 -28.52 24.33 -23.97
CA CYS A 334 -29.69 23.49 -24.17
C CYS A 334 -29.66 22.74 -25.48
N LEU A 335 -30.21 21.53 -25.46
CA LEU A 335 -30.62 20.83 -26.66
C LEU A 335 -32.11 21.12 -26.88
N GLN A 336 -32.62 20.76 -28.06
CA GLN A 336 -34.04 20.94 -28.39
C GLN A 336 -34.91 20.21 -27.36
N ASN A 337 -34.49 19.01 -26.96
CA ASN A 337 -35.19 18.12 -26.05
C ASN A 337 -34.83 18.41 -24.58
N THR A 338 -33.99 19.41 -24.25
CA THR A 338 -33.76 19.73 -22.80
C THR A 338 -34.17 21.17 -22.47
N VAL A 339 -34.69 21.94 -23.42
CA VAL A 339 -35.18 23.31 -23.14
C VAL A 339 -36.19 23.36 -21.97
N ASN A 340 -37.15 22.45 -21.97
CA ASN A 340 -38.20 22.40 -20.95
C ASN A 340 -37.54 22.12 -19.60
N ASP A 341 -36.61 21.18 -19.56
CA ASP A 341 -35.82 20.87 -18.35
C ASP A 341 -35.06 22.08 -17.82
N PHE A 342 -34.45 22.82 -18.74
CA PHE A 342 -33.74 24.01 -18.38
C PHE A 342 -34.67 24.96 -17.63
N TRP A 343 -35.88 25.19 -18.14
CA TRP A 343 -36.75 26.16 -17.49
C TRP A 343 -37.31 25.58 -16.19
N ARG A 344 -37.53 24.27 -16.12
CA ARG A 344 -37.89 23.66 -14.83
C ARG A 344 -36.82 23.96 -13.78
N MET A 345 -35.55 23.88 -14.21
CA MET A 345 -34.42 24.08 -13.36
C MET A 345 -34.40 25.54 -12.87
N VAL A 346 -34.54 26.49 -13.80
CA VAL A 346 -34.49 27.88 -13.42
C VAL A 346 -35.60 28.16 -12.41
N PHE A 347 -36.77 27.61 -12.67
CA PHE A 347 -37.93 27.90 -11.85
C PHE A 347 -37.72 27.31 -10.45
N GLN A 348 -37.32 26.04 -10.43
CA GLN A 348 -37.21 25.29 -9.23
C GLN A 348 -36.14 25.89 -8.32
N GLU A 349 -35.07 26.36 -8.89
CA GLU A 349 -33.95 26.77 -8.07
C GLU A 349 -34.06 28.26 -7.74
N ASN A 350 -35.14 28.90 -8.18
CA ASN A 350 -35.41 30.31 -7.93
C ASN A 350 -34.32 31.21 -8.53
N SER A 351 -33.67 30.77 -9.60
CA SER A 351 -32.63 31.55 -10.24
C SER A 351 -33.27 32.77 -10.91
N ARG A 352 -32.56 33.89 -10.81
CA ARG A 352 -33.07 35.14 -11.36
C ARG A 352 -32.10 35.74 -12.37
N VAL A 353 -30.92 35.13 -12.56
CA VAL A 353 -29.97 35.62 -13.49
C VAL A 353 -29.38 34.43 -14.22
N ILE A 354 -29.27 34.59 -15.54
CA ILE A 354 -28.67 33.57 -16.46
C ILE A 354 -27.53 34.27 -17.18
N VAL A 355 -26.39 33.63 -17.20
CA VAL A 355 -25.24 34.08 -17.90
C VAL A 355 -24.98 33.08 -19.03
N MET A 356 -25.08 33.55 -20.27
CA MET A 356 -24.80 32.75 -21.46
C MET A 356 -23.51 33.25 -22.10
N THR A 357 -22.51 32.40 -22.32
CA THR A 357 -21.21 32.91 -22.77
C THR A 357 -20.87 32.37 -24.15
N THR A 358 -21.86 31.88 -24.89
CA THR A 358 -21.65 31.43 -26.25
C THR A 358 -22.68 32.11 -27.16
N LYS A 359 -22.35 32.26 -28.44
CA LYS A 359 -23.41 32.46 -29.41
C LYS A 359 -24.15 31.15 -29.62
N GLU A 360 -25.36 31.21 -30.19
CA GLU A 360 -26.14 30.01 -30.49
C GLU A 360 -25.36 29.12 -31.46
N VAL A 361 -24.68 29.77 -32.40
CA VAL A 361 -23.96 29.10 -33.45
C VAL A 361 -22.55 29.70 -33.49
N GLU A 362 -21.54 28.84 -33.55
CA GLU A 362 -20.16 29.23 -33.75
C GLU A 362 -19.52 28.18 -34.65
N ARG A 363 -18.72 28.65 -35.60
CA ARG A 363 -18.09 27.82 -36.65
C ARG A 363 -19.13 26.95 -37.37
N GLY A 364 -20.36 27.40 -37.51
CA GLY A 364 -21.39 26.62 -38.22
C GLY A 364 -21.98 25.50 -37.38
N LYS A 365 -21.70 25.46 -36.08
CA LYS A 365 -22.16 24.37 -35.22
C LYS A 365 -23.09 24.94 -34.14
N SER A 366 -24.22 24.29 -33.94
CA SER A 366 -25.12 24.69 -32.87
C SER A 366 -24.43 24.41 -31.54
N LYS A 367 -24.31 25.44 -30.71
CA LYS A 367 -23.72 25.36 -29.38
C LYS A 367 -24.76 25.45 -28.27
N CYS A 368 -25.91 26.03 -28.59
CA CYS A 368 -27.00 26.22 -27.66
C CYS A 368 -28.27 26.52 -28.49
N VAL A 369 -29.35 25.80 -28.25
CA VAL A 369 -30.58 26.10 -28.99
C VAL A 369 -31.18 27.36 -28.35
N LYS A 370 -32.01 28.08 -29.09
CA LYS A 370 -32.60 29.30 -28.58
C LYS A 370 -33.72 28.90 -27.62
N TYR A 371 -33.53 29.17 -26.32
CA TYR A 371 -34.45 28.70 -25.30
C TYR A 371 -35.24 29.89 -24.73
N TRP A 372 -35.11 31.05 -25.36
CA TRP A 372 -35.82 32.25 -24.97
C TRP A 372 -36.68 32.74 -26.15
N PRO A 373 -37.79 33.41 -25.89
CA PRO A 373 -38.61 33.93 -26.99
C PRO A 373 -38.01 35.22 -27.58
N ASP A 374 -38.35 35.55 -28.81
CA ASP A 374 -37.97 36.86 -29.40
C ASP A 374 -38.50 38.00 -28.59
N GLU A 375 -37.91 39.17 -28.76
CA GLU A 375 -38.27 40.34 -27.97
C GLU A 375 -39.78 40.61 -28.16
N TYR A 376 -40.45 40.92 -27.05
CA TYR A 376 -41.91 41.19 -26.98
C TYR A 376 -42.75 39.93 -27.18
N ALA A 377 -42.17 38.74 -27.38
CA ALA A 377 -42.97 37.52 -27.61
C ALA A 377 -43.08 36.70 -26.31
N LEU A 378 -44.00 35.74 -26.33
CA LEU A 378 -44.31 34.87 -25.18
C LEU A 378 -44.30 33.43 -25.71
N LYS A 379 -43.61 32.48 -25.06
CA LYS A 379 -43.62 31.09 -25.46
C LYS A 379 -43.88 30.19 -24.24
N GLU A 380 -44.54 29.06 -24.47
CA GLU A 380 -44.68 28.02 -23.41
C GLU A 380 -43.63 26.92 -23.62
N TYR A 381 -42.82 26.65 -22.59
CA TYR A 381 -41.86 25.57 -22.62
C TYR A 381 -42.32 24.50 -21.63
N GLY A 382 -43.02 23.48 -22.14
CA GLY A 382 -43.78 22.56 -21.28
C GLY A 382 -44.70 23.34 -20.33
N VAL A 383 -44.56 23.12 -19.02
CA VAL A 383 -45.43 23.74 -18.01
C VAL A 383 -45.00 25.18 -17.69
N MET A 384 -43.90 25.66 -18.23
CA MET A 384 -43.37 26.97 -17.98
C MET A 384 -43.70 27.92 -19.13
N ARG A 385 -44.02 29.18 -18.81
CA ARG A 385 -44.22 30.21 -19.80
C ARG A 385 -43.16 31.30 -19.57
N VAL A 386 -42.60 31.82 -20.66
CA VAL A 386 -41.59 32.87 -20.58
C VAL A 386 -42.00 33.98 -21.55
N ARG A 387 -42.00 35.18 -21.04
CA ARG A 387 -42.18 36.35 -21.87
C ARG A 387 -40.86 37.12 -21.95
N ASN A 388 -40.49 37.55 -23.14
CA ASN A 388 -39.33 38.43 -23.29
C ASN A 388 -39.85 39.87 -23.38
N VAL A 389 -39.63 40.61 -22.29
CA VAL A 389 -40.21 41.92 -22.05
C VAL A 389 -39.42 42.97 -22.82
N LYS A 390 -38.09 42.86 -22.80
CA LYS A 390 -37.23 43.90 -23.33
C LYS A 390 -35.81 43.35 -23.54
N GLU A 391 -35.22 43.69 -24.67
CA GLU A 391 -33.80 43.47 -24.90
C GLU A 391 -33.05 44.80 -24.88
N SER A 392 -31.83 44.79 -24.36
CA SER A 392 -30.94 45.97 -24.37
C SER A 392 -29.56 45.53 -24.88
N ALA A 393 -29.02 46.21 -25.90
CA ALA A 393 -27.72 45.84 -26.42
C ALA A 393 -26.66 46.75 -25.78
N ALA A 394 -25.60 46.11 -25.34
CA ALA A 394 -24.40 46.74 -24.87
C ALA A 394 -23.25 46.30 -25.78
N HIS A 395 -22.04 46.81 -25.55
CA HIS A 395 -20.91 46.57 -26.45
C HIS A 395 -20.64 45.07 -26.58
N ASP A 396 -20.56 44.37 -25.46
CA ASP A 396 -20.13 42.94 -25.43
C ASP A 396 -21.25 41.95 -25.16
N TYR A 397 -22.44 42.45 -24.81
CA TYR A 397 -23.53 41.59 -24.40
C TYR A 397 -24.89 42.22 -24.74
N THR A 398 -25.87 41.35 -24.77
CA THR A 398 -27.28 41.67 -24.81
C THR A 398 -27.88 41.25 -23.47
N LEU A 399 -28.73 42.12 -22.89
CA LEU A 399 -29.51 41.78 -21.72
C LEU A 399 -30.95 41.57 -22.18
N ARG A 400 -31.53 40.42 -21.80
CA ARG A 400 -32.91 40.14 -22.10
C ARG A 400 -33.63 40.03 -20.76
N GLU A 401 -34.67 40.87 -20.61
CA GLU A 401 -35.52 40.82 -19.45
C GLU A 401 -36.68 39.85 -19.70
N LEU A 402 -36.65 38.71 -19.02
CA LEU A 402 -37.60 37.64 -19.25
C LEU A 402 -38.53 37.51 -18.04
N LYS A 403 -39.76 37.10 -18.29
CA LYS A 403 -40.65 36.81 -17.18
C LYS A 403 -41.07 35.34 -17.25
N LEU A 404 -40.74 34.63 -16.19
CA LEU A 404 -40.96 33.20 -16.10
C LEU A 404 -42.09 32.94 -15.12
N SER A 405 -43.01 32.07 -15.50
CA SER A 405 -44.07 31.64 -14.61
C SER A 405 -44.52 30.23 -14.97
N LYS A 406 -45.20 29.59 -14.04
CA LYS A 406 -45.80 28.31 -14.29
C LYS A 406 -47.17 28.51 -14.92
N VAL A 407 -47.44 27.80 -16.01
CA VAL A 407 -48.74 27.89 -16.64
C VAL A 407 -49.79 27.49 -15.60
N GLY A 408 -50.90 28.23 -15.57
CA GLY A 408 -52.02 27.96 -14.68
C GLY A 408 -51.89 28.63 -13.32
N GLN A 409 -50.77 29.30 -13.04
CA GLN A 409 -50.45 29.83 -11.69
C GLN A 409 -49.77 31.20 -11.79
N GLY A 410 -50.60 32.26 -11.88
CA GLY A 410 -50.16 33.62 -12.27
C GLY A 410 -49.21 34.25 -11.26
N ASN A 411 -49.49 34.04 -9.97
CA ASN A 411 -48.66 34.61 -8.91
C ASN A 411 -47.29 33.93 -8.80
N THR A 412 -46.86 33.10 -9.76
CA THR A 412 -45.50 32.51 -9.71
C THR A 412 -44.53 33.28 -10.61
N GLU A 413 -45.02 34.36 -11.25
CA GLU A 413 -44.18 35.11 -12.18
C GLU A 413 -42.99 35.72 -11.42
N ARG A 414 -41.78 35.55 -11.97
CA ARG A 414 -40.59 36.28 -11.54
C ARG A 414 -39.78 36.66 -12.78
N THR A 415 -39.09 37.77 -12.66
CA THR A 415 -38.17 38.24 -13.68
C THR A 415 -36.87 37.45 -13.60
N VAL A 416 -36.45 37.00 -14.76
CA VAL A 416 -35.18 36.35 -14.99
C VAL A 416 -34.41 37.21 -15.99
N TRP A 417 -33.24 37.71 -15.58
CA TRP A 417 -32.38 38.53 -16.42
C TRP A 417 -31.34 37.67 -17.12
N GLN A 418 -31.43 37.58 -18.47
CA GLN A 418 -30.42 36.81 -19.20
C GLN A 418 -29.39 37.77 -19.76
N TYR A 419 -28.17 37.59 -19.27
CA TYR A 419 -27.04 38.33 -19.73
C TYR A 419 -26.29 37.47 -20.74
N HIS A 420 -26.36 37.89 -22.00
CA HIS A 420 -25.83 37.03 -23.10
C HIS A 420 -24.58 37.69 -23.66
N PHE A 421 -23.43 37.14 -23.28
CA PHE A 421 -22.13 37.64 -23.70
C PHE A 421 -21.87 37.11 -25.12
N ARG A 422 -21.57 38.02 -26.05
CA ARG A 422 -21.71 37.72 -27.47
CA ARG A 422 -21.71 37.74 -27.47
C ARG A 422 -20.37 37.84 -28.21
N THR A 423 -19.32 38.36 -27.57
CA THR A 423 -18.10 38.64 -28.32
C THR A 423 -16.94 37.74 -27.88
N TRP A 424 -17.18 36.71 -27.10
CA TRP A 424 -16.08 35.82 -26.79
C TRP A 424 -15.56 35.26 -28.11
N PRO A 425 -14.26 35.26 -28.35
CA PRO A 425 -13.66 34.77 -29.62
C PRO A 425 -13.97 33.28 -29.85
N ASP A 426 -14.01 32.81 -31.10
CA ASP A 426 -14.35 31.39 -31.36
C ASP A 426 -13.37 30.41 -30.70
N HIS A 427 -12.10 30.77 -30.75
CA HIS A 427 -11.02 29.99 -30.11
C HIS A 427 -10.21 30.91 -29.19
N GLY A 428 -9.66 30.36 -28.11
CA GLY A 428 -8.88 31.18 -27.19
C GLY A 428 -9.77 32.05 -26.31
N VAL A 429 -9.21 33.20 -25.93
CA VAL A 429 -9.78 34.07 -24.89
C VAL A 429 -9.67 35.51 -25.40
N PRO A 430 -10.42 36.45 -24.81
CA PRO A 430 -10.21 37.84 -25.21
C PRO A 430 -8.84 38.39 -24.77
N SER A 431 -8.34 39.39 -25.51
CA SER A 431 -7.02 39.97 -25.27
C SER A 431 -7.03 40.84 -24.00
N ASP A 432 -8.20 41.37 -23.67
CA ASP A 432 -8.36 42.32 -22.59
C ASP A 432 -9.56 41.88 -21.73
N PRO A 433 -9.42 41.90 -20.39
CA PRO A 433 -10.50 41.37 -19.55
C PRO A 433 -11.60 42.39 -19.22
N GLY A 434 -11.45 43.63 -19.66
CA GLY A 434 -12.36 44.74 -19.33
C GLY A 434 -13.82 44.46 -19.64
N GLY A 435 -14.11 43.84 -20.79
CA GLY A 435 -15.51 43.61 -21.18
C GLY A 435 -16.18 42.57 -20.29
N VAL A 436 -15.41 41.53 -19.97
CA VAL A 436 -15.85 40.47 -19.08
C VAL A 436 -16.08 41.03 -17.67
N LEU A 437 -15.15 41.83 -17.17
CA LEU A 437 -15.25 42.38 -15.81
C LEU A 437 -16.48 43.28 -15.71
N ASP A 438 -16.71 44.14 -16.69
CA ASP A 438 -17.91 45.03 -16.70
C ASP A 438 -19.18 44.21 -16.73
N PHE A 439 -19.18 43.16 -17.55
CA PHE A 439 -20.26 42.25 -17.67
C PHE A 439 -20.54 41.58 -16.31
N LEU A 440 -19.51 41.03 -15.63
CA LEU A 440 -19.71 40.33 -14.36
C LEU A 440 -20.10 41.32 -13.25
N GLU A 441 -19.62 42.54 -13.31
CA GLU A 441 -20.02 43.57 -12.35
C GLU A 441 -21.53 43.82 -12.42
N GLU A 442 -22.04 43.97 -13.64
CA GLU A 442 -23.44 44.15 -13.90
C GLU A 442 -24.24 42.92 -13.43
N VAL A 443 -23.80 41.70 -13.75
CA VAL A 443 -24.47 40.46 -13.32
C VAL A 443 -24.53 40.43 -11.78
N HIS A 444 -23.43 40.86 -11.17
CA HIS A 444 -23.29 40.87 -9.73
C HIS A 444 -24.32 41.82 -9.08
N HIS A 445 -24.43 43.05 -9.59
CA HIS A 445 -25.34 44.03 -9.03
C HIS A 445 -26.78 43.62 -9.27
N LYS A 446 -27.06 42.97 -10.41
CA LYS A 446 -28.42 42.52 -10.66
C LYS A 446 -28.78 41.43 -9.66
N GLN A 447 -27.94 40.41 -9.50
CA GLN A 447 -28.15 39.32 -8.54
C GLN A 447 -28.36 39.88 -7.13
N GLU A 448 -27.53 40.83 -6.76
CA GLU A 448 -27.55 41.29 -5.36
C GLU A 448 -28.79 42.16 -5.08
N SER A 449 -29.39 42.69 -6.15
CA SER A 449 -30.56 43.53 -6.06
C SER A 449 -31.85 42.72 -5.86
N ILE A 450 -31.78 41.39 -5.93
CA ILE A 450 -33.01 40.59 -5.89
C ILE A 450 -33.02 39.79 -4.59
N MET A 451 -33.96 40.12 -3.70
CA MET A 451 -34.01 39.46 -2.39
C MET A 451 -34.18 37.95 -2.58
N ASP A 452 -33.32 37.16 -1.93
CA ASP A 452 -33.39 35.67 -1.95
C ASP A 452 -33.35 34.95 -3.33
N ALA A 453 -32.85 35.65 -4.34
CA ALA A 453 -32.45 35.04 -5.61
C ALA A 453 -31.70 33.72 -5.41
N GLY A 454 -31.99 32.76 -6.25
CA GLY A 454 -31.29 31.50 -6.23
C GLY A 454 -29.94 31.63 -6.93
N PRO A 455 -29.31 30.49 -7.21
CA PRO A 455 -27.99 30.51 -7.83
C PRO A 455 -28.03 31.16 -9.22
N VAL A 456 -26.91 31.77 -9.62
CA VAL A 456 -26.78 32.34 -10.93
C VAL A 456 -26.52 31.19 -11.91
N VAL A 457 -27.31 31.10 -12.97
CA VAL A 457 -27.07 30.05 -13.95
C VAL A 457 -26.05 30.53 -14.98
N VAL A 458 -25.03 29.71 -15.25
CA VAL A 458 -23.98 30.02 -16.17
C VAL A 458 -23.81 28.86 -17.16
N HIS A 459 -23.81 29.17 -18.46
CA HIS A 459 -23.67 28.08 -19.46
C HIS A 459 -22.90 28.59 -20.67
N CYS A 460 -22.25 27.65 -21.36
CA CYS A 460 -21.63 27.88 -22.64
C CYS A 460 -22.15 26.77 -23.55
N SER A 461 -21.25 25.97 -24.14
CA SER A 461 -21.63 24.82 -24.95
C SER A 461 -21.64 23.57 -24.04
N ALA A 462 -20.48 23.10 -23.68
CA ALA A 462 -20.38 21.90 -22.79
C ALA A 462 -20.53 22.27 -21.31
N GLY A 463 -20.35 23.54 -20.99
CA GLY A 463 -20.61 24.02 -19.64
C GLY A 463 -19.41 23.85 -18.71
N ILE A 464 -18.19 23.75 -19.24
CA ILE A 464 -17.04 23.54 -18.36
C ILE A 464 -15.94 24.57 -18.64
N GLY A 465 -15.68 24.99 -19.89
CA GLY A 465 -14.50 25.84 -20.16
C GLY A 465 -14.75 27.33 -19.91
N ARG A 466 -15.50 27.96 -20.80
CA ARG A 466 -15.92 29.36 -20.59
C ARG A 466 -16.68 29.51 -19.27
N THR A 467 -17.60 28.58 -19.05
CA THR A 467 -18.45 28.58 -17.87
C THR A 467 -17.58 28.60 -16.61
N GLY A 468 -16.59 27.72 -16.56
CA GLY A 468 -15.73 27.65 -15.39
C GLY A 468 -14.90 28.92 -15.24
N THR A 469 -14.49 29.48 -16.37
CA THR A 469 -13.68 30.66 -16.41
C THR A 469 -14.44 31.85 -15.85
N PHE A 470 -15.68 32.03 -16.32
CA PHE A 470 -16.51 33.13 -15.78
C PHE A 470 -16.78 32.93 -14.28
N ILE A 471 -17.12 31.72 -13.87
CA ILE A 471 -17.42 31.46 -12.44
C ILE A 471 -16.17 31.73 -11.59
N VAL A 472 -14.99 31.25 -11.99
CA VAL A 472 -13.83 31.40 -11.13
C VAL A 472 -13.48 32.89 -11.01
N ILE A 473 -13.54 33.62 -12.12
CA ILE A 473 -13.31 35.06 -12.06
C ILE A 473 -14.30 35.70 -11.08
N ASP A 474 -15.56 35.29 -11.13
CA ASP A 474 -16.58 35.95 -10.29
C ASP A 474 -16.33 35.68 -8.77
N ILE A 475 -16.01 34.44 -8.44
CA ILE A 475 -15.65 34.03 -7.07
C ILE A 475 -14.46 34.86 -6.60
N LEU A 476 -13.42 34.96 -7.42
CA LEU A 476 -12.22 35.71 -7.03
C LEU A 476 -12.53 37.20 -6.85
N ILE A 477 -13.24 37.81 -7.80
CA ILE A 477 -13.53 39.27 -7.67
C ILE A 477 -14.42 39.52 -6.45
N ASP A 478 -15.34 38.61 -6.16
CA ASP A 478 -16.24 38.81 -5.02
C ASP A 478 -15.48 38.94 -3.70
N ILE A 479 -14.40 38.18 -3.54
CA ILE A 479 -13.54 38.30 -2.39
C ILE A 479 -12.96 39.72 -2.33
N ILE A 480 -12.47 40.19 -3.45
CA ILE A 480 -11.87 41.51 -3.47
C ILE A 480 -12.97 42.55 -3.18
N ARG A 481 -14.17 42.30 -3.72
CA ARG A 481 -15.36 43.17 -3.44
C ARG A 481 -15.62 43.26 -1.93
N GLU A 482 -15.71 42.14 -1.23
CA GLU A 482 -15.99 42.14 0.21
C GLU A 482 -14.80 42.69 1.01
N LYS A 483 -13.61 42.14 0.77
CA LYS A 483 -12.48 42.32 1.71
C LYS A 483 -11.48 43.37 1.22
N GLY A 484 -11.76 44.07 0.11
CA GLY A 484 -10.83 45.06 -0.45
C GLY A 484 -9.52 44.44 -0.94
N VAL A 485 -8.59 45.34 -1.26
CA VAL A 485 -7.40 44.99 -2.05
C VAL A 485 -6.37 44.25 -1.20
N ASP A 486 -6.44 44.38 0.14
CA ASP A 486 -5.49 43.72 1.04
C ASP A 486 -6.06 42.42 1.61
N CYS A 487 -6.33 41.46 0.73
CA CYS A 487 -6.91 40.17 1.13
C CYS A 487 -6.18 39.05 0.39
N ASP A 488 -6.39 37.80 0.81
CA ASP A 488 -5.68 36.66 0.21
C ASP A 488 -6.44 35.97 -0.91
N ILE A 489 -5.83 35.83 -2.09
CA ILE A 489 -6.43 34.98 -3.16
C ILE A 489 -5.47 33.85 -3.58
N ASP A 490 -6.08 32.77 -4.08
CA ASP A 490 -5.35 31.58 -4.50
C ASP A 490 -6.04 30.99 -5.74
N VAL A 491 -5.57 31.37 -6.92
CA VAL A 491 -6.26 31.03 -8.17
C VAL A 491 -6.37 29.50 -8.32
N PRO A 492 -5.23 28.76 -8.29
CA PRO A 492 -5.34 27.31 -8.49
C PRO A 492 -6.16 26.57 -7.42
N LYS A 493 -6.10 26.96 -6.13
CA LYS A 493 -6.96 26.31 -5.15
C LYS A 493 -8.44 26.63 -5.47
N THR A 494 -8.76 27.84 -5.90
CA THR A 494 -10.16 28.17 -6.28
C THR A 494 -10.59 27.25 -7.43
N ILE A 495 -9.74 27.10 -8.44
CA ILE A 495 -10.12 26.29 -9.61
C ILE A 495 -10.30 24.83 -9.16
N GLN A 496 -9.38 24.33 -8.33
CA GLN A 496 -9.46 22.91 -7.92
C GLN A 496 -10.77 22.68 -7.16
N MET A 497 -11.11 23.64 -6.32
CA MET A 497 -12.36 23.57 -5.55
C MET A 497 -13.59 23.52 -6.50
N VAL A 498 -13.60 24.31 -7.57
CA VAL A 498 -14.74 24.32 -8.50
C VAL A 498 -14.77 23.01 -9.33
N ARG A 499 -13.59 22.51 -9.63
CA ARG A 499 -13.39 21.28 -10.41
C ARG A 499 -13.88 20.07 -9.61
N SER A 500 -13.95 20.16 -8.29
CA SER A 500 -14.47 19.08 -7.53
C SER A 500 -16.00 19.06 -7.58
N GLN A 501 -16.63 20.11 -8.15
CA GLN A 501 -18.08 20.18 -8.24
C GLN A 501 -18.59 20.05 -9.67
N ARG A 502 -17.77 20.30 -10.68
CA ARG A 502 -18.14 19.92 -12.04
C ARG A 502 -16.85 19.63 -12.79
N SER A 503 -16.87 18.57 -13.59
CA SER A 503 -15.73 18.04 -14.28
C SER A 503 -15.04 19.10 -15.15
N GLY A 504 -13.74 19.33 -14.96
CA GLY A 504 -12.95 20.06 -15.95
C GLY A 504 -13.24 21.56 -16.06
N MET A 505 -13.81 22.15 -15.02
CA MET A 505 -14.00 23.62 -14.97
C MET A 505 -12.67 24.35 -15.09
N VAL A 506 -12.63 25.20 -16.13
CA VAL A 506 -11.50 25.88 -16.64
C VAL A 506 -10.68 24.86 -17.45
N GLN A 507 -10.68 25.04 -18.78
CA GLN A 507 -10.18 24.00 -19.72
C GLN A 507 -8.71 24.21 -20.09
N THR A 508 -8.24 25.45 -20.25
CA THR A 508 -6.94 25.69 -20.90
C THR A 508 -6.09 26.70 -20.14
N GLU A 509 -4.82 26.63 -20.46
CA GLU A 509 -3.81 27.57 -19.96
C GLU A 509 -4.16 29.01 -20.33
N ALA A 510 -4.67 29.26 -21.53
CA ALA A 510 -5.09 30.62 -21.93
C ALA A 510 -6.22 31.09 -21.00
N GLN A 511 -7.13 30.20 -20.63
CA GLN A 511 -8.20 30.60 -19.69
C GLN A 511 -7.60 30.87 -18.31
N TYR A 512 -6.63 30.06 -17.87
CA TYR A 512 -5.96 30.25 -16.58
C TYR A 512 -5.29 31.62 -16.52
N ARG A 513 -4.53 31.96 -17.57
CA ARG A 513 -3.89 33.24 -17.69
C ARG A 513 -4.91 34.38 -17.71
N PHE A 514 -6.02 34.21 -18.41
CA PHE A 514 -7.03 35.24 -18.48
C PHE A 514 -7.62 35.54 -17.10
N ILE A 515 -7.79 34.51 -16.28
CA ILE A 515 -8.32 34.65 -14.92
C ILE A 515 -7.41 35.57 -14.11
N TYR A 516 -6.10 35.30 -14.15
CA TYR A 516 -5.10 36.17 -13.51
C TYR A 516 -5.12 37.58 -14.09
N MET A 517 -5.29 37.72 -15.41
CA MET A 517 -5.37 39.03 -16.07
C MET A 517 -6.60 39.80 -15.57
N ALA A 518 -7.73 39.11 -15.50
CA ALA A 518 -8.99 39.69 -15.06
C ALA A 518 -8.88 40.22 -13.62
N VAL A 519 -8.37 39.39 -12.71
CA VAL A 519 -8.15 39.79 -11.30
C VAL A 519 -7.21 41.00 -11.24
N GLN A 520 -6.13 40.96 -12.00
CA GLN A 520 -5.15 42.04 -11.99
C GLN A 520 -5.80 43.38 -12.39
N HIS A 521 -6.62 43.36 -13.45
CA HIS A 521 -7.27 44.54 -13.97
C HIS A 521 -8.21 45.11 -12.90
N TYR A 522 -8.94 44.22 -12.24
CA TYR A 522 -9.89 44.57 -11.21
C TYR A 522 -9.18 45.29 -10.07
N ILE A 523 -8.03 44.78 -9.66
CA ILE A 523 -7.24 45.33 -8.56
C ILE A 523 -6.68 46.70 -8.94
N GLU A 524 -6.16 46.80 -10.16
CA GLU A 524 -5.55 48.05 -10.62
C GLU A 524 -6.62 49.15 -10.67
N THR A 525 -7.84 48.83 -11.06
CA THR A 525 -8.88 49.86 -11.12
C THR A 525 -9.21 50.37 -9.70
N LEU A 526 -9.31 49.49 -8.71
CA LEU A 526 -9.50 49.95 -7.31
C LEU A 526 -8.36 50.87 -6.88
N GLN A 527 -7.13 50.44 -7.12
CA GLN A 527 -5.96 51.22 -6.76
C GLN A 527 -5.99 52.61 -7.43
N ARG A 528 -6.41 52.70 -8.70
CA ARG A 528 -6.60 54.01 -9.39
C ARG A 528 -7.50 54.95 -8.57
N ARG A 529 -8.37 54.41 -7.72
CA ARG A 529 -9.19 55.24 -6.82
C ARG A 529 -8.52 55.33 -5.44
N SER B 4 12.19 -5.17 3.32
CA SER B 4 11.31 -6.06 2.53
C SER B 4 11.29 -7.47 3.15
N ARG B 5 10.60 -8.38 2.45
CA ARG B 5 10.53 -9.81 2.81
C ARG B 5 11.03 -10.67 1.63
N ARG B 6 11.74 -10.10 0.66
CA ARG B 6 12.08 -10.91 -0.51
C ARG B 6 13.59 -10.87 -0.82
N TRP B 7 14.42 -10.51 0.17
CA TRP B 7 15.88 -10.46 0.02
C TRP B 7 16.50 -11.87 0.02
N PHE B 8 15.75 -12.96 0.24
CA PHE B 8 16.34 -14.30 0.15
C PHE B 8 16.11 -14.90 -1.23
N HIS B 9 17.18 -15.33 -1.89
CA HIS B 9 17.09 -15.92 -3.25
C HIS B 9 17.40 -17.42 -3.16
N PRO B 10 16.36 -18.26 -3.14
CA PRO B 10 16.56 -19.69 -2.88
C PRO B 10 17.26 -20.49 -3.99
N ASN B 11 17.21 -20.02 -5.23
CA ASN B 11 17.59 -20.85 -6.38
C ASN B 11 18.66 -20.14 -7.20
N ILE B 12 19.47 -19.31 -6.57
CA ILE B 12 20.51 -18.52 -7.28
C ILE B 12 21.91 -19.11 -6.96
N THR B 13 22.85 -18.97 -7.90
CA THR B 13 24.29 -19.28 -7.66
C THR B 13 25.07 -18.03 -7.24
N GLY B 14 26.33 -18.23 -6.82
CA GLY B 14 27.24 -17.14 -6.47
C GLY B 14 27.45 -16.13 -7.59
N VAL B 15 27.73 -16.57 -8.81
CA VAL B 15 28.01 -15.60 -9.87
C VAL B 15 26.71 -14.90 -10.25
N GLU B 16 25.57 -15.59 -10.22
CA GLU B 16 24.29 -14.93 -10.52
C GLU B 16 24.02 -13.85 -9.46
N ALA B 17 24.26 -14.16 -8.19
CA ALA B 17 24.15 -13.21 -7.10
C ALA B 17 25.04 -12.00 -7.39
N GLU B 18 26.31 -12.24 -7.75
CA GLU B 18 27.22 -11.12 -8.01
C GLU B 18 26.65 -10.22 -9.11
N ASN B 19 26.18 -10.86 -10.18
CA ASN B 19 25.80 -10.15 -11.37
C ASN B 19 24.53 -9.33 -11.08
N LEU B 20 23.61 -9.89 -10.31
CA LEU B 20 22.41 -9.13 -9.84
C LEU B 20 22.84 -7.88 -9.07
N LEU B 21 23.77 -8.04 -8.13
CA LEU B 21 24.19 -6.93 -7.28
C LEU B 21 24.92 -5.86 -8.08
N LEU B 22 25.69 -6.27 -9.08
CA LEU B 22 26.49 -5.31 -9.85
C LEU B 22 25.63 -4.56 -10.87
N THR B 23 24.52 -5.14 -11.33
CA THR B 23 23.74 -4.56 -12.43
C THR B 23 22.41 -3.98 -11.92
N ARG B 24 21.82 -4.57 -10.89
CA ARG B 24 20.54 -4.10 -10.38
C ARG B 24 20.72 -3.46 -9.00
N GLY B 25 21.93 -3.48 -8.45
CA GLY B 25 22.16 -3.00 -7.12
C GLY B 25 23.07 -1.81 -7.08
N VAL B 26 23.26 -1.29 -5.88
CA VAL B 26 24.22 -0.19 -5.65
C VAL B 26 24.98 -0.51 -4.37
N ASP B 27 25.92 0.35 -3.99
CA ASP B 27 26.69 0.05 -2.77
C ASP B 27 25.73 0.02 -1.60
N GLY B 28 25.81 -1.04 -0.79
CA GLY B 28 24.89 -1.25 0.32
C GLY B 28 23.78 -2.23 -0.02
N SER B 29 23.64 -2.56 -1.30
CA SER B 29 22.71 -3.60 -1.72
C SER B 29 23.23 -4.95 -1.25
N PHE B 30 22.29 -5.82 -0.88
CA PHE B 30 22.59 -7.14 -0.37
C PHE B 30 21.40 -8.08 -0.60
N LEU B 31 21.71 -9.36 -0.50
CA LEU B 31 20.75 -10.44 -0.61
C LEU B 31 21.28 -11.62 0.21
N ALA B 32 20.41 -12.57 0.51
CA ALA B 32 20.85 -13.82 1.12
C ALA B 32 20.47 -14.99 0.21
N ARG B 33 21.23 -16.07 0.33
CA ARG B 33 21.06 -17.23 -0.51
C ARG B 33 21.62 -18.48 0.17
N PRO B 34 21.16 -19.65 -0.27
CA PRO B 34 21.65 -20.94 0.25
C PRO B 34 23.09 -21.06 -0.22
N SER B 35 23.97 -21.62 0.59
CA SER B 35 25.32 -21.91 0.12
C SER B 35 25.27 -23.12 -0.83
N LYS B 36 25.96 -23.02 -1.96
CA LYS B 36 25.98 -24.09 -2.95
C LYS B 36 27.19 -25.00 -2.67
N SER B 37 28.15 -24.47 -1.91
CA SER B 37 29.39 -25.16 -1.58
C SER B 37 29.27 -25.93 -0.26
N ASN B 38 28.52 -25.39 0.68
CA ASN B 38 28.37 -26.00 2.00
C ASN B 38 26.88 -26.14 2.33
N PRO B 39 26.22 -27.16 1.76
CA PRO B 39 24.78 -27.40 1.94
C PRO B 39 24.36 -27.34 3.41
N GLY B 40 23.33 -26.56 3.69
CA GLY B 40 22.88 -26.31 5.04
C GLY B 40 23.41 -25.00 5.58
N ASP B 41 24.31 -24.34 4.86
CA ASP B 41 24.73 -23.00 5.31
C ASP B 41 24.25 -21.96 4.28
N PHE B 42 24.59 -20.70 4.54
CA PHE B 42 24.04 -19.56 3.79
C PHE B 42 25.15 -18.58 3.52
N THR B 43 24.84 -17.66 2.61
CA THR B 43 25.74 -16.63 2.26
C THR B 43 24.94 -15.32 2.22
N LEU B 44 25.53 -14.29 2.79
CA LEU B 44 25.09 -12.94 2.64
C LEU B 44 26.00 -12.29 1.61
N SER B 45 25.47 -11.94 0.45
CA SER B 45 26.25 -11.28 -0.57
C SER B 45 25.94 -9.79 -0.54
N VAL B 46 26.96 -8.96 -0.52
CA VAL B 46 26.85 -7.54 -0.23
C VAL B 46 27.69 -6.76 -1.22
N ARG B 47 27.11 -5.74 -1.87
CA ARG B 47 27.85 -4.84 -2.74
C ARG B 47 28.49 -3.73 -1.91
N ARG B 48 29.76 -3.46 -2.17
CA ARG B 48 30.49 -2.39 -1.52
C ARG B 48 31.67 -1.99 -2.42
N ASN B 49 31.85 -0.67 -2.61
CA ASN B 49 32.91 -0.07 -3.47
C ASN B 49 32.82 -0.60 -4.91
N GLY B 50 31.62 -0.83 -5.42
CA GLY B 50 31.41 -1.42 -6.73
C GLY B 50 31.99 -2.82 -6.87
N ALA B 51 32.03 -3.58 -5.78
CA ALA B 51 32.44 -4.98 -5.80
C ALA B 51 31.56 -5.77 -4.84
N VAL B 52 31.50 -7.08 -5.02
CA VAL B 52 30.68 -7.93 -4.22
C VAL B 52 31.57 -8.71 -3.24
N THR B 53 31.17 -8.71 -1.97
CA THR B 53 31.76 -9.55 -0.96
C THR B 53 30.71 -10.55 -0.47
N HIS B 54 31.15 -11.79 -0.24
CA HIS B 54 30.27 -12.85 0.20
C HIS B 54 30.66 -13.21 1.63
N ILE B 55 29.67 -13.26 2.50
CA ILE B 55 29.91 -13.55 3.89
C ILE B 55 29.15 -14.81 4.26
N LYS B 56 29.90 -15.76 4.82
CA LYS B 56 29.36 -17.03 5.27
C LYS B 56 28.52 -16.89 6.55
N ILE B 57 27.42 -17.64 6.56
CA ILE B 57 26.58 -17.86 7.67
C ILE B 57 26.40 -19.36 7.86
N GLN B 58 26.85 -19.84 9.01
CA GLN B 58 26.75 -21.26 9.36
C GLN B 58 25.51 -21.49 10.22
N ASN B 59 24.82 -22.61 10.00
CA ASN B 59 23.85 -23.06 10.95
C ASN B 59 24.07 -24.55 11.18
N THR B 60 24.53 -24.89 12.38
CA THR B 60 24.86 -26.29 12.67
C THR B 60 23.71 -26.92 13.45
N GLY B 61 22.63 -26.17 13.68
CA GLY B 61 21.44 -26.64 14.35
C GLY B 61 21.06 -25.82 15.58
N ASP B 62 21.94 -24.93 16.06
CA ASP B 62 21.62 -24.15 17.27
C ASP B 62 21.26 -22.68 17.02
N TYR B 63 21.81 -22.11 15.96
CA TYR B 63 21.69 -20.73 15.65
C TYR B 63 22.38 -20.48 14.30
N TYR B 64 22.10 -19.31 13.76
CA TYR B 64 22.81 -18.78 12.61
C TYR B 64 24.05 -18.02 13.13
N ASP B 65 25.21 -18.42 12.63
CA ASP B 65 26.46 -17.82 13.00
C ASP B 65 27.06 -17.10 11.79
N LEU B 66 27.04 -15.79 11.84
CA LEU B 66 27.52 -14.97 10.74
C LEU B 66 29.03 -14.82 10.95
N TYR B 67 29.79 -15.24 9.96
CA TYR B 67 31.24 -15.21 10.04
C TYR B 67 31.71 -13.76 10.23
N GLY B 68 32.37 -13.47 11.35
CA GLY B 68 32.86 -12.12 11.66
C GLY B 68 31.76 -11.21 12.19
N GLY B 69 30.63 -11.79 12.56
CA GLY B 69 29.53 -11.06 13.16
C GLY B 69 28.93 -11.85 14.30
N GLU B 70 27.63 -11.77 14.48
CA GLU B 70 27.03 -12.34 15.65
C GLU B 70 26.17 -13.56 15.30
N LYS B 71 25.52 -14.06 16.33
CA LYS B 71 24.68 -15.20 16.25
C LYS B 71 23.22 -14.77 16.32
N PHE B 72 22.38 -15.39 15.50
CA PHE B 72 20.99 -14.95 15.36
C PHE B 72 20.08 -16.17 15.30
N ALA B 73 18.79 -15.96 15.64
CA ALA B 73 17.78 -17.00 15.64
C ALA B 73 17.17 -17.19 14.24
N THR B 74 17.11 -16.13 13.42
CA THR B 74 16.59 -16.25 12.06
C THR B 74 17.38 -15.29 11.16
N LEU B 75 17.41 -15.56 9.86
CA LEU B 75 18.05 -14.62 8.95
C LEU B 75 17.30 -13.28 8.96
N ALA B 76 15.98 -13.29 9.08
CA ALA B 76 15.20 -12.04 9.14
C ALA B 76 15.67 -11.21 10.33
N GLU B 77 15.91 -11.84 11.46
CA GLU B 77 16.34 -11.08 12.66
C GLU B 77 17.79 -10.58 12.44
N LEU B 78 18.58 -11.36 11.73
CA LEU B 78 19.96 -10.96 11.38
C LEU B 78 19.90 -9.71 10.48
N VAL B 79 19.07 -9.74 9.45
CA VAL B 79 18.99 -8.61 8.48
C VAL B 79 18.40 -7.40 9.20
N GLN B 80 17.37 -7.59 10.00
CA GLN B 80 16.82 -6.48 10.75
C GLN B 80 17.92 -5.87 11.64
N TYR B 81 18.66 -6.68 12.37
CA TYR B 81 19.64 -6.17 13.32
C TYR B 81 20.65 -5.25 12.61
N TYR B 82 21.17 -5.70 11.47
CA TYR B 82 22.22 -4.95 10.79
C TYR B 82 21.65 -3.79 9.96
N MET B 83 20.42 -3.88 9.47
CA MET B 83 19.86 -2.75 8.76
C MET B 83 19.62 -1.58 9.72
N GLU B 84 19.76 -1.81 11.03
CA GLU B 84 19.45 -0.83 12.09
C GLU B 84 20.69 -0.61 12.97
N HIS B 85 21.86 -1.04 12.49
CA HIS B 85 23.13 -0.99 13.22
C HIS B 85 24.29 -0.89 12.21
N HIS B 86 24.68 0.33 11.82
CA HIS B 86 25.76 0.55 10.83
C HIS B 86 27.10 0.75 11.56
N GLY B 87 28.17 0.21 10.98
CA GLY B 87 29.46 0.11 11.65
C GLY B 87 29.51 -1.09 12.58
N GLN B 88 28.54 -1.99 12.42
CA GLN B 88 28.35 -3.13 13.31
C GLN B 88 28.73 -4.43 12.60
N LEU B 89 28.54 -4.54 11.29
CA LEU B 89 29.03 -5.71 10.56
C LEU B 89 30.36 -5.38 9.88
N LYS B 90 31.33 -6.28 10.07
CA LYS B 90 32.65 -6.24 9.43
C LYS B 90 33.02 -7.62 8.88
N GLU B 91 33.96 -7.65 7.93
CA GLU B 91 34.79 -8.86 7.80
C GLU B 91 35.80 -8.82 8.95
N LYS B 92 36.71 -9.78 9.02
CA LYS B 92 37.52 -9.91 10.24
C LYS B 92 38.80 -9.07 10.16
N ASN B 93 38.92 -8.17 9.18
CA ASN B 93 40.00 -7.16 9.20
C ASN B 93 39.48 -5.86 9.85
N GLY B 94 38.19 -5.84 10.23
CA GLY B 94 37.58 -4.67 10.88
C GLY B 94 37.18 -3.58 9.88
N ASP B 95 36.77 -4.00 8.68
CA ASP B 95 36.21 -3.09 7.68
C ASP B 95 34.69 -3.17 7.75
N VAL B 96 34.01 -2.03 7.92
CA VAL B 96 32.55 -2.02 8.13
C VAL B 96 31.85 -2.37 6.81
N ILE B 97 30.86 -3.24 6.91
CA ILE B 97 30.02 -3.62 5.79
C ILE B 97 28.60 -3.15 6.10
N GLU B 98 28.08 -2.23 5.29
CA GLU B 98 26.76 -1.66 5.51
C GLU B 98 25.73 -2.52 4.77
N LEU B 99 24.71 -2.97 5.47
CA LEU B 99 23.52 -3.52 4.81
C LEU B 99 22.46 -2.41 4.71
N LYS B 100 22.28 -1.88 3.51
CA LYS B 100 21.35 -0.76 3.33
C LYS B 100 20.10 -1.19 2.52
N TYR B 101 20.30 -1.86 1.38
CA TYR B 101 19.27 -1.97 0.34
C TYR B 101 19.04 -3.44 -0.04
N PRO B 102 18.00 -4.06 0.51
CA PRO B 102 17.68 -5.43 0.19
C PRO B 102 17.43 -5.53 -1.32
N LEU B 103 17.99 -6.54 -1.97
CA LEU B 103 17.76 -6.75 -3.39
C LEU B 103 16.75 -7.89 -3.51
N ASN B 104 15.55 -7.56 -4.00
CA ASN B 104 14.43 -8.48 -3.95
C ASN B 104 14.56 -9.57 -5.03
N CYS B 105 14.03 -10.74 -4.69
CA CYS B 105 13.98 -11.92 -5.54
C CYS B 105 12.59 -12.08 -6.17
N ALA B 106 12.53 -12.41 -7.46
CA ALA B 106 11.24 -12.51 -8.17
C ALA B 106 10.71 -13.95 -8.10
N ASP B 107 11.57 -14.90 -7.75
CA ASP B 107 11.20 -16.31 -7.78
C ASP B 107 9.97 -16.51 -6.89
N PRO B 108 8.88 -17.02 -7.44
CA PRO B 108 7.70 -17.27 -6.60
C PRO B 108 7.63 -18.63 -5.90
N THR B 109 8.63 -19.48 -6.04
CA THR B 109 8.49 -20.88 -5.60
C THR B 109 8.52 -20.99 -4.08
N SER B 110 8.92 -19.95 -3.34
CA SER B 110 8.87 -19.96 -1.84
C SER B 110 7.50 -19.50 -1.31
N GLU B 111 6.55 -19.14 -2.19
CA GLU B 111 5.35 -18.51 -1.71
C GLU B 111 4.28 -19.58 -1.49
N ARG B 112 3.51 -19.52 -0.43
CA ARG B 112 2.55 -20.58 -0.13
CA ARG B 112 2.56 -20.58 -0.13
C ARG B 112 1.55 -20.76 -1.27
N TRP B 113 1.20 -19.68 -1.97
CA TRP B 113 0.09 -19.72 -2.96
C TRP B 113 0.58 -20.20 -4.34
N PHE B 114 1.88 -20.44 -4.51
CA PHE B 114 2.35 -20.79 -5.85
C PHE B 114 2.39 -22.31 -6.05
N HIS B 115 1.72 -22.83 -7.08
CA HIS B 115 1.57 -24.28 -7.30
C HIS B 115 2.15 -24.73 -8.66
N GLY B 116 2.80 -23.85 -9.41
CA GLY B 116 3.49 -24.25 -10.65
C GLY B 116 2.58 -24.98 -11.65
N HIS B 117 3.02 -26.15 -12.14
CA HIS B 117 2.24 -26.92 -13.11
C HIS B 117 0.97 -27.45 -12.44
N LEU B 118 -0.19 -26.93 -12.86
CA LEU B 118 -1.47 -27.34 -12.32
C LEU B 118 -2.58 -26.84 -13.24
N SER B 119 -3.47 -27.74 -13.65
CA SER B 119 -4.51 -27.43 -14.62
C SER B 119 -5.65 -26.72 -13.89
N GLY B 120 -6.47 -26.00 -14.64
CA GLY B 120 -7.67 -25.36 -14.12
C GLY B 120 -8.58 -26.33 -13.38
N LYS B 121 -8.70 -27.58 -13.87
CA LYS B 121 -9.59 -28.57 -13.25
C LYS B 121 -8.93 -29.14 -11.98
N GLU B 122 -7.62 -29.42 -11.99
CA GLU B 122 -6.90 -29.79 -10.77
C GLU B 122 -7.01 -28.67 -9.73
N ALA B 123 -6.94 -27.41 -10.21
CA ALA B 123 -6.94 -26.28 -9.30
C ALA B 123 -8.36 -26.12 -8.75
N GLU B 124 -9.34 -26.25 -9.64
CA GLU B 124 -10.75 -26.20 -9.27
C GLU B 124 -11.04 -27.33 -8.27
N LYS B 125 -10.51 -28.54 -8.52
CA LYS B 125 -10.69 -29.67 -7.58
C LYS B 125 -10.20 -29.26 -6.19
N LEU B 126 -8.96 -28.75 -6.11
CA LEU B 126 -8.34 -28.47 -4.82
C LEU B 126 -9.12 -27.39 -4.06
N LEU B 127 -9.56 -26.35 -4.78
CA LEU B 127 -10.21 -25.22 -4.13
C LEU B 127 -11.61 -25.64 -3.66
N THR B 128 -12.21 -26.56 -4.40
CA THR B 128 -13.54 -27.07 -4.08
C THR B 128 -13.47 -28.00 -2.86
N GLU B 129 -12.33 -28.68 -2.67
CA GLU B 129 -12.16 -29.66 -1.59
C GLU B 129 -11.56 -28.99 -0.34
N LYS B 130 -10.41 -28.36 -0.48
CA LYS B 130 -9.68 -27.86 0.69
C LYS B 130 -10.00 -26.38 0.93
N GLY B 131 -10.61 -25.68 -0.02
CA GLY B 131 -10.68 -24.22 0.05
C GLY B 131 -11.99 -23.69 0.60
N LYS B 132 -11.97 -22.43 1.00
CA LYS B 132 -13.18 -21.71 1.38
C LYS B 132 -13.13 -20.34 0.68
N HIS B 133 -14.07 -19.45 1.00
CA HIS B 133 -14.08 -18.10 0.45
C HIS B 133 -12.71 -17.45 0.68
N GLY B 134 -12.19 -16.85 -0.39
CA GLY B 134 -10.94 -16.11 -0.37
C GLY B 134 -9.72 -17.01 -0.52
N SER B 135 -9.91 -18.32 -0.64
CA SER B 135 -8.78 -19.23 -0.86
C SER B 135 -8.31 -19.08 -2.31
N PHE B 136 -7.01 -18.97 -2.53
CA PHE B 136 -6.50 -18.68 -3.87
C PHE B 136 -5.21 -19.43 -4.11
N LEU B 137 -4.82 -19.53 -5.38
CA LEU B 137 -3.47 -19.99 -5.74
C LEU B 137 -3.05 -19.36 -7.05
N VAL B 138 -1.76 -19.50 -7.37
CA VAL B 138 -1.23 -19.18 -8.67
C VAL B 138 -0.60 -20.44 -9.28
N ARG B 139 -0.87 -20.61 -10.57
CA ARG B 139 -0.43 -21.76 -11.36
C ARG B 139 0.09 -21.28 -12.72
N GLU B 140 0.90 -22.13 -13.36
CA GLU B 140 1.29 -21.92 -14.76
C GLU B 140 0.07 -22.06 -15.67
N SER B 141 0.02 -21.25 -16.71
CA SER B 141 -1.05 -21.33 -17.69
C SER B 141 -0.70 -22.47 -18.67
N GLN B 142 -1.70 -23.25 -19.04
CA GLN B 142 -1.52 -24.32 -20.04
C GLN B 142 -1.94 -23.81 -21.43
N SER B 143 -2.88 -22.88 -21.48
CA SER B 143 -3.37 -22.36 -22.76
C SER B 143 -2.38 -21.35 -23.36
N HIS B 144 -1.76 -20.55 -22.50
CA HIS B 144 -0.74 -19.58 -22.91
C HIS B 144 0.53 -19.87 -22.12
N PRO B 145 1.51 -20.55 -22.74
CA PRO B 145 2.73 -20.97 -22.04
C PRO B 145 3.60 -19.76 -21.65
N GLY B 146 4.06 -19.76 -20.41
CA GLY B 146 4.84 -18.66 -19.81
C GLY B 146 3.95 -17.71 -19.01
N ASP B 147 2.64 -17.77 -19.24
CA ASP B 147 1.66 -16.97 -18.51
C ASP B 147 1.30 -17.70 -17.21
N PHE B 148 0.47 -17.08 -16.40
CA PHE B 148 0.06 -17.64 -15.17
C PHE B 148 -1.44 -17.38 -14.99
N VAL B 149 -2.00 -18.07 -14.00
CA VAL B 149 -3.40 -17.95 -13.71
C VAL B 149 -3.54 -17.82 -12.20
N LEU B 150 -4.38 -16.88 -11.82
CA LEU B 150 -4.82 -16.76 -10.44
C LEU B 150 -6.20 -17.42 -10.36
N SER B 151 -6.29 -18.41 -9.48
CA SER B 151 -7.52 -19.15 -9.22
C SER B 151 -8.01 -18.87 -7.80
N VAL B 152 -9.23 -18.37 -7.70
CA VAL B 152 -9.77 -17.83 -6.47
C VAL B 152 -11.15 -18.45 -6.23
N ARG B 153 -11.40 -18.90 -5.01
CA ARG B 153 -12.72 -19.32 -4.59
C ARG B 153 -13.44 -18.16 -3.88
N THR B 154 -14.68 -17.95 -4.23
CA THR B 154 -15.53 -17.02 -3.50
C THR B 154 -16.85 -17.72 -3.20
N GLY B 155 -17.47 -17.39 -2.06
CA GLY B 155 -18.82 -17.86 -1.77
C GLY B 155 -19.13 -17.91 -0.28
N ASP B 156 -20.14 -18.71 0.03
CA ASP B 156 -20.77 -18.78 1.36
C ASP B 156 -19.84 -19.26 2.49
N ASP B 157 -19.59 -20.57 2.55
CA ASP B 157 -18.99 -21.26 3.73
C ASP B 157 -20.05 -21.61 4.78
N SER B 161 -21.12 -28.26 0.77
CA SER B 161 -21.70 -29.01 -0.34
C SER B 161 -21.77 -28.11 -1.59
N ASN B 162 -22.29 -28.67 -2.69
CA ASN B 162 -22.24 -28.01 -4.01
C ASN B 162 -23.64 -27.60 -4.46
N ASP B 163 -24.01 -26.37 -4.15
CA ASP B 163 -25.31 -25.78 -4.51
C ASP B 163 -25.21 -24.44 -5.26
N GLY B 164 -24.01 -24.10 -5.75
CA GLY B 164 -23.83 -22.94 -6.63
C GLY B 164 -23.82 -21.61 -5.88
N LYS B 165 -23.48 -21.63 -4.60
CA LYS B 165 -23.32 -20.42 -3.80
C LYS B 165 -21.84 -20.02 -3.78
N SER B 166 -20.96 -20.99 -3.98
CA SER B 166 -19.55 -20.76 -4.23
C SER B 166 -19.24 -20.86 -5.74
N LYS B 167 -18.01 -20.52 -6.10
CA LYS B 167 -17.48 -20.68 -7.45
C LYS B 167 -15.95 -20.60 -7.41
N VAL B 168 -15.30 -20.98 -8.51
CA VAL B 168 -13.90 -20.63 -8.68
C VAL B 168 -13.77 -19.74 -9.93
N THR B 169 -13.08 -18.62 -9.76
CA THR B 169 -12.84 -17.63 -10.85
C THR B 169 -11.35 -17.70 -11.23
N HIS B 170 -11.05 -17.75 -12.52
CA HIS B 170 -9.66 -17.84 -13.01
C HIS B 170 -9.29 -16.53 -13.71
N VAL B 171 -8.19 -15.90 -13.31
CA VAL B 171 -7.75 -14.61 -13.83
C VAL B 171 -6.38 -14.79 -14.49
N MET B 172 -6.31 -14.50 -15.78
CA MET B 172 -5.06 -14.66 -16.54
C MET B 172 -4.06 -13.58 -16.13
N ILE B 173 -2.83 -14.01 -15.89
CA ILE B 173 -1.70 -13.13 -15.59
C ILE B 173 -0.72 -13.29 -16.76
N ARG B 174 -0.56 -12.20 -17.50
CA ARG B 174 0.36 -12.16 -18.61
C ARG B 174 1.78 -11.91 -18.07
N CYS B 175 2.74 -12.55 -18.71
CA CYS B 175 4.15 -12.33 -18.44
C CYS B 175 4.76 -11.70 -19.70
N GLN B 176 5.09 -10.42 -19.60
CA GLN B 176 5.55 -9.64 -20.76
C GLN B 176 6.82 -8.90 -20.35
N GLU B 177 7.93 -9.20 -21.03
CA GLU B 177 9.22 -8.60 -20.72
C GLU B 177 9.52 -8.71 -19.23
N LEU B 178 9.33 -9.91 -18.65
CA LEU B 178 9.64 -10.21 -17.25
C LEU B 178 8.78 -9.37 -16.29
N LYS B 179 7.65 -8.83 -16.73
CA LYS B 179 6.73 -8.12 -15.81
C LYS B 179 5.34 -8.75 -15.91
N TYR B 180 4.59 -8.69 -14.82
CA TYR B 180 3.34 -9.43 -14.68
C TYR B 180 2.14 -8.46 -14.61
N ASP B 181 1.10 -8.78 -15.35
CA ASP B 181 -0.13 -8.01 -15.26
C ASP B 181 -1.36 -8.87 -15.49
N VAL B 182 -2.53 -8.32 -15.09
CA VAL B 182 -3.83 -9.01 -15.25
C VAL B 182 -4.61 -8.50 -16.47
N GLY B 183 -3.92 -7.92 -17.46
CA GLY B 183 -4.54 -7.59 -18.72
C GLY B 183 -4.75 -6.09 -18.87
N GLY B 184 -4.44 -5.35 -17.81
CA GLY B 184 -4.55 -3.90 -17.80
C GLY B 184 -4.04 -3.33 -16.49
N GLY B 185 -3.66 -2.05 -16.50
CA GLY B 185 -3.24 -1.33 -15.28
C GLY B 185 -1.75 -1.46 -15.03
N GLU B 186 -1.40 -1.72 -13.80
CA GLU B 186 -0.02 -1.79 -13.35
C GLU B 186 0.64 -3.08 -13.87
N ARG B 187 1.93 -2.97 -14.19
CA ARG B 187 2.80 -4.08 -14.52
C ARG B 187 3.78 -4.26 -13.36
N PHE B 188 3.88 -5.47 -12.81
CA PHE B 188 4.57 -5.71 -11.59
C PHE B 188 5.86 -6.49 -11.88
N ASP B 189 6.86 -6.28 -11.07
CA ASP B 189 8.15 -6.92 -11.26
C ASP B 189 8.20 -8.39 -10.86
N SER B 190 7.20 -8.86 -10.12
CA SER B 190 7.14 -10.24 -9.68
C SER B 190 5.70 -10.62 -9.40
N LEU B 191 5.41 -11.91 -9.46
CA LEU B 191 4.13 -12.42 -9.08
C LEU B 191 3.82 -12.07 -7.63
N THR B 192 4.84 -12.08 -6.77
CA THR B 192 4.65 -11.70 -5.39
C THR B 192 4.07 -10.29 -5.30
N ASP B 193 4.66 -9.38 -6.06
CA ASP B 193 4.22 -8.00 -6.04
C ASP B 193 2.80 -7.80 -6.56
N LEU B 194 2.44 -8.58 -7.58
CA LEU B 194 1.08 -8.59 -8.12
C LEU B 194 0.09 -9.10 -7.07
N VAL B 195 0.40 -10.24 -6.48
CA VAL B 195 -0.47 -10.84 -5.45
C VAL B 195 -0.65 -9.85 -4.28
N GLU B 196 0.45 -9.25 -3.80
CA GLU B 196 0.36 -8.34 -2.65
C GLU B 196 -0.52 -7.13 -3.01
N HIS B 197 -0.41 -6.61 -4.23
CA HIS B 197 -1.25 -5.52 -4.65
C HIS B 197 -2.74 -5.92 -4.65
N TYR B 198 -3.06 -7.09 -5.15
CA TYR B 198 -4.48 -7.43 -5.37
C TYR B 198 -5.07 -8.02 -4.09
N LYS B 199 -4.22 -8.37 -3.12
CA LYS B 199 -4.65 -8.64 -1.72
C LYS B 199 -5.16 -7.35 -1.08
N LYS B 200 -4.45 -6.24 -1.27
CA LYS B 200 -4.86 -4.95 -0.71
C LYS B 200 -5.95 -4.28 -1.57
N ASN B 201 -5.94 -4.50 -2.89
CA ASN B 201 -6.89 -3.84 -3.77
C ASN B 201 -7.62 -4.90 -4.60
N PRO B 202 -8.58 -5.60 -3.98
CA PRO B 202 -9.17 -6.76 -4.60
C PRO B 202 -9.82 -6.40 -5.94
N MET B 203 -9.63 -7.27 -6.93
CA MET B 203 -10.29 -7.13 -8.19
C MET B 203 -11.81 -7.28 -7.96
N VAL B 204 -12.57 -6.48 -8.69
CA VAL B 204 -14.04 -6.51 -8.59
C VAL B 204 -14.56 -6.88 -9.98
N GLU B 205 -15.23 -8.02 -10.10
CA GLU B 205 -15.88 -8.40 -11.36
C GLU B 205 -17.01 -7.41 -11.65
N THR B 206 -17.43 -7.44 -12.90
CA THR B 206 -18.27 -6.39 -13.45
C THR B 206 -19.68 -6.50 -12.84
N LEU B 207 -20.11 -7.69 -12.39
CA LEU B 207 -21.42 -7.79 -11.74
C LEU B 207 -21.26 -7.70 -10.22
N GLY B 208 -20.01 -7.47 -9.76
CA GLY B 208 -19.78 -6.92 -8.42
C GLY B 208 -19.08 -7.89 -7.47
N THR B 209 -18.86 -9.15 -7.84
CA THR B 209 -18.11 -10.09 -6.97
C THR B 209 -16.68 -9.55 -6.75
N VAL B 210 -16.31 -9.44 -5.48
CA VAL B 210 -14.96 -9.04 -5.10
C VAL B 210 -14.11 -10.31 -5.00
N LEU B 211 -13.02 -10.38 -5.75
CA LEU B 211 -12.13 -11.54 -5.67
C LEU B 211 -11.08 -11.33 -4.58
N GLN B 212 -11.54 -11.47 -3.34
CA GLN B 212 -10.70 -11.32 -2.17
C GLN B 212 -9.66 -12.45 -2.14
N LEU B 213 -8.40 -12.08 -2.02
CA LEU B 213 -7.31 -13.01 -1.82
C LEU B 213 -7.00 -13.09 -0.32
N LYS B 214 -7.57 -14.07 0.35
CA LYS B 214 -7.62 -14.05 1.80
C LYS B 214 -6.64 -15.06 2.37
N GLN B 215 -6.54 -16.25 1.79
CA GLN B 215 -5.50 -17.16 2.24
C GLN B 215 -5.15 -18.16 1.12
N PRO B 216 -3.88 -18.60 1.08
CA PRO B 216 -3.47 -19.63 0.15
C PRO B 216 -4.18 -20.95 0.44
N LEU B 217 -4.24 -21.83 -0.54
CA LEU B 217 -4.71 -23.18 -0.30
C LEU B 217 -3.70 -23.90 0.61
N ASN B 218 -4.18 -24.64 1.60
CA ASN B 218 -3.30 -25.48 2.39
C ASN B 218 -2.87 -26.71 1.58
N THR B 219 -1.56 -26.88 1.45
CA THR B 219 -0.95 -28.00 0.70
C THR B 219 -0.11 -28.90 1.63
N THR B 220 -0.06 -28.64 2.93
CA THR B 220 0.92 -29.36 3.80
C THR B 220 0.23 -30.28 4.82
N ARG B 221 -1.05 -30.04 5.13
CA ARG B 221 -1.86 -30.88 6.04
C ARG B 221 -2.05 -32.29 5.47
N ILE B 222 -1.84 -33.32 6.28
CA ILE B 222 -2.04 -34.73 5.80
C ILE B 222 -2.74 -35.58 6.86
N ASN B 223 -3.32 -36.67 6.38
CA ASN B 223 -3.77 -37.70 7.29
C ASN B 223 -2.54 -38.41 7.85
N ALA B 224 -2.48 -38.58 9.17
CA ALA B 224 -1.30 -39.13 9.83
C ALA B 224 -1.02 -40.54 9.29
N ALA B 225 -2.09 -41.30 8.98
CA ALA B 225 -1.98 -42.69 8.50
C ALA B 225 -1.29 -42.78 7.14
N GLU B 226 -1.35 -41.71 6.33
CA GLU B 226 -0.66 -41.64 5.02
C GLU B 226 0.72 -40.94 5.13
N ILE B 227 1.28 -40.81 6.34
CA ILE B 227 2.59 -40.12 6.52
C ILE B 227 3.66 -40.77 5.63
N GLU B 228 3.64 -42.09 5.52
CA GLU B 228 4.68 -42.84 4.81
C GLU B 228 4.68 -42.44 3.33
N SER B 229 3.49 -42.25 2.75
CA SER B 229 3.34 -41.76 1.36
C SER B 229 3.94 -40.37 1.18
N ARG B 230 3.71 -39.48 2.13
CA ARG B 230 4.17 -38.10 2.00
C ARG B 230 5.69 -38.04 2.18
N VAL B 231 6.23 -38.86 3.08
CA VAL B 231 7.68 -38.82 3.34
C VAL B 231 8.38 -39.29 2.06
N ARG B 232 7.84 -40.34 1.43
CA ARG B 232 8.38 -40.84 0.15
C ARG B 232 8.34 -39.71 -0.89
N GLU B 233 7.17 -39.08 -1.08
CA GLU B 233 7.05 -37.93 -2.02
C GLU B 233 8.13 -36.88 -1.74
N LEU B 234 8.28 -36.51 -0.46
CA LEU B 234 9.19 -35.41 -0.07
C LEU B 234 10.65 -35.86 -0.17
N SER B 235 10.90 -37.17 -0.14
CA SER B 235 12.26 -37.68 -0.19
C SER B 235 12.79 -37.72 -1.64
N LYS B 236 11.93 -37.63 -2.64
CA LYS B 236 12.36 -37.51 -4.04
C LYS B 236 11.36 -36.68 -4.82
N GLY B 247 9.68 -31.84 -2.64
CA GLY B 247 10.82 -32.20 -1.81
C GLY B 247 10.76 -31.57 -0.42
N PHE B 248 11.47 -32.20 0.52
CA PHE B 248 11.72 -31.61 1.84
C PHE B 248 12.30 -30.20 1.73
N TRP B 249 13.23 -30.00 0.81
CA TRP B 249 13.91 -28.74 0.76
C TRP B 249 12.95 -27.63 0.33
N GLU B 250 12.03 -27.91 -0.59
CA GLU B 250 11.09 -26.85 -1.10
C GLU B 250 10.06 -26.50 -0.02
N GLU B 251 9.62 -27.51 0.73
CA GLU B 251 8.58 -27.32 1.75
C GLU B 251 9.16 -26.52 2.91
N PHE B 252 10.41 -26.82 3.24
CA PHE B 252 11.08 -26.14 4.33
C PHE B 252 11.35 -24.69 3.93
N GLU B 253 11.75 -24.52 2.68
CA GLU B 253 11.99 -23.22 2.11
C GLU B 253 10.72 -22.36 2.19
N THR B 254 9.57 -22.93 1.86
CA THR B 254 8.31 -22.17 1.92
C THR B 254 8.03 -21.75 3.37
N LEU B 255 8.33 -22.64 4.31
CA LEU B 255 8.13 -22.31 5.72
C LEU B 255 9.09 -21.20 6.17
N GLN B 256 10.34 -21.31 5.77
CA GLN B 256 11.35 -20.32 6.16
C GLN B 256 10.95 -18.92 5.66
N GLN B 257 10.42 -18.85 4.43
CA GLN B 257 9.98 -17.57 3.82
C GLN B 257 9.00 -16.89 4.78
N GLN B 258 8.24 -17.65 5.58
CA GLN B 258 7.19 -17.08 6.41
C GLN B 258 7.78 -16.37 7.66
N GLU B 259 9.07 -16.49 7.94
CA GLU B 259 9.66 -15.97 9.20
C GLU B 259 9.74 -14.44 9.19
N CYS B 260 9.67 -13.84 8.01
CA CYS B 260 9.66 -12.35 7.88
C CYS B 260 8.40 -11.77 8.56
N LYS B 261 7.37 -12.57 8.76
CA LYS B 261 6.16 -12.10 9.43
C LYS B 261 6.29 -12.23 10.95
N LEU B 262 7.46 -12.62 11.49
CA LEU B 262 7.55 -12.97 12.93
C LEU B 262 8.56 -12.07 13.64
N LEU B 263 8.73 -10.86 13.15
CA LEU B 263 9.66 -9.95 13.78
C LEU B 263 8.96 -9.23 14.93
N TYR B 264 8.55 -9.98 15.93
CA TYR B 264 7.90 -9.36 17.09
C TYR B 264 8.96 -8.70 17.98
N SER B 265 8.49 -7.78 18.81
CA SER B 265 9.38 -6.99 19.62
C SER B 265 10.05 -7.89 20.68
N ARG B 266 11.33 -7.60 20.90
CA ARG B 266 12.13 -8.25 21.91
C ARG B 266 12.75 -7.16 22.81
N LYS B 267 11.98 -6.12 23.14
CA LYS B 267 12.57 -4.94 23.81
C LYS B 267 13.09 -5.29 25.22
N GLU B 268 12.48 -6.22 25.93
CA GLU B 268 12.91 -6.46 27.34
C GLU B 268 14.31 -7.10 27.39
N GLY B 269 14.53 -8.10 26.55
CA GLY B 269 15.82 -8.76 26.46
C GLY B 269 16.92 -7.86 25.92
N GLN B 270 16.55 -6.76 25.25
CA GLN B 270 17.53 -5.80 24.69
C GLN B 270 17.95 -4.78 25.76
N ARG B 271 17.28 -4.72 26.91
CA ARG B 271 17.63 -3.65 27.88
C ARG B 271 19.03 -3.88 28.46
N GLN B 272 19.69 -2.77 28.79
CA GLN B 272 21.05 -2.77 29.31
C GLN B 272 21.16 -3.68 30.54
N GLU B 273 20.21 -3.56 31.46
CA GLU B 273 20.21 -4.33 32.70
C GLU B 273 20.03 -5.84 32.45
N ASN B 274 19.61 -6.24 31.25
CA ASN B 274 19.34 -7.68 31.01
C ASN B 274 20.38 -8.32 30.08
N LYS B 275 21.29 -7.50 29.54
CA LYS B 275 22.19 -7.93 28.48
C LYS B 275 23.00 -9.15 28.92
N ASN B 276 23.52 -9.16 30.12
CA ASN B 276 24.38 -10.28 30.53
C ASN B 276 23.55 -11.48 31.00
N LYS B 277 22.21 -11.45 30.88
CA LYS B 277 21.40 -12.64 31.20
C LYS B 277 21.09 -13.44 29.94
N ASN B 278 21.56 -12.98 28.78
CA ASN B 278 21.38 -13.70 27.52
C ASN B 278 22.68 -14.44 27.14
N ARG B 279 22.59 -15.73 26.86
CA ARG B 279 23.72 -16.52 26.36
C ARG B 279 24.26 -15.92 25.06
N TYR B 280 23.37 -15.57 24.14
CA TYR B 280 23.72 -14.95 22.88
C TYR B 280 22.94 -13.63 22.77
N LYS B 281 23.66 -12.52 22.56
CA LYS B 281 23.12 -11.18 22.85
C LYS B 281 21.92 -10.85 21.94
N ASN B 282 21.81 -11.51 20.78
CA ASN B 282 20.73 -11.22 19.81
C ASN B 282 19.70 -12.35 19.73
N ILE B 283 19.84 -13.38 20.56
CA ILE B 283 18.82 -14.43 20.64
C ILE B 283 18.03 -14.20 21.92
N LEU B 284 16.83 -13.66 21.72
CA LEU B 284 16.07 -12.99 22.76
C LEU B 284 14.64 -13.50 22.76
N PRO B 285 13.96 -13.46 23.93
CA PRO B 285 12.58 -13.87 24.01
C PRO B 285 11.66 -12.74 23.50
N PHE B 286 10.64 -13.11 22.76
CA PHE B 286 9.59 -12.13 22.39
C PHE B 286 8.96 -11.59 23.66
N ASP B 287 8.79 -10.27 23.70
CA ASP B 287 8.08 -9.59 24.80
C ASP B 287 6.73 -10.20 25.13
N HIS B 288 5.96 -10.59 24.10
CA HIS B 288 4.52 -10.90 24.32
C HIS B 288 4.33 -12.32 24.90
N THR B 289 5.36 -13.17 24.83
CA THR B 289 5.28 -14.52 25.40
C THR B 289 6.39 -14.80 26.43
N ARG B 290 7.23 -13.81 26.78
CA ARG B 290 8.38 -14.06 27.66
C ARG B 290 7.85 -14.46 29.04
N VAL B 291 8.64 -15.26 29.73
CA VAL B 291 8.35 -15.54 31.12
C VAL B 291 8.77 -14.32 31.95
N VAL B 292 7.81 -13.77 32.69
CA VAL B 292 8.04 -12.65 33.59
C VAL B 292 8.15 -13.19 35.01
N LEU B 293 9.26 -12.88 35.67
CA LEU B 293 9.51 -13.34 37.02
C LEU B 293 9.04 -12.28 38.01
N HIS B 294 8.28 -12.74 38.99
CA HIS B 294 7.64 -11.86 39.97
C HIS B 294 8.37 -12.02 41.31
N ASP B 295 8.16 -11.08 42.21
CA ASP B 295 8.64 -11.22 43.58
C ASP B 295 10.16 -11.38 43.70
N GLY B 296 10.90 -10.64 42.88
CA GLY B 296 12.36 -10.69 42.90
C GLY B 296 12.95 -9.97 44.09
N ASP B 297 14.27 -10.17 44.26
CA ASP B 297 15.08 -9.40 45.20
C ASP B 297 14.66 -7.94 45.11
N PRO B 298 14.25 -7.36 46.25
CA PRO B 298 13.63 -6.04 46.30
C PRO B 298 14.50 -4.99 45.58
N ASN B 299 15.80 -4.99 45.87
CA ASN B 299 16.73 -4.02 45.30
C ASN B 299 17.71 -4.76 44.39
N GLU B 300 17.22 -5.14 43.21
CA GLU B 300 18.02 -5.58 42.07
C GLU B 300 17.65 -4.69 40.88
N PRO B 301 18.58 -4.45 39.93
CA PRO B 301 18.32 -3.50 38.83
C PRO B 301 17.06 -3.90 38.04
N VAL B 302 17.08 -5.09 37.46
CA VAL B 302 15.88 -5.71 36.89
C VAL B 302 15.86 -7.16 37.40
N SER B 303 14.74 -7.59 37.97
CA SER B 303 14.65 -8.92 38.55
C SER B 303 13.52 -9.71 37.88
N ASP B 304 12.92 -9.19 36.80
CA ASP B 304 11.76 -9.86 36.19
C ASP B 304 12.12 -10.65 34.95
N TYR B 305 13.41 -10.67 34.57
CA TYR B 305 13.81 -11.12 33.22
C TYR B 305 14.50 -12.48 33.25
N ILE B 306 14.09 -13.34 32.32
CA ILE B 306 14.82 -14.54 31.99
C ILE B 306 14.61 -14.79 30.51
N ASN B 307 15.62 -15.37 29.88
CA ASN B 307 15.56 -15.65 28.46
C ASN B 307 14.76 -16.94 28.26
N ALA B 308 13.44 -16.77 28.21
CA ALA B 308 12.52 -17.90 28.20
C ALA B 308 11.16 -17.42 27.68
N ASN B 309 10.47 -18.29 26.95
CA ASN B 309 9.10 -18.05 26.44
C ASN B 309 8.15 -19.22 26.75
N ILE B 310 6.91 -18.84 27.01
CA ILE B 310 5.84 -19.79 27.08
C ILE B 310 5.47 -20.17 25.66
N ILE B 311 5.31 -21.48 25.45
CA ILE B 311 4.89 -22.07 24.20
C ILE B 311 3.60 -22.83 24.47
N MET B 312 2.54 -22.34 23.88
CA MET B 312 1.23 -22.92 24.02
C MET B 312 0.90 -23.59 22.67
N PRO B 313 0.52 -24.88 22.66
CA PRO B 313 0.05 -25.41 21.37
C PRO B 313 -1.34 -24.83 21.03
N GLU B 314 -1.79 -25.01 19.80
CA GLU B 314 -3.10 -24.49 19.41
C GLU B 314 -4.19 -25.50 19.82
N PHE B 315 -5.01 -25.13 20.81
CA PHE B 315 -6.14 -25.95 21.28
C PHE B 315 -7.23 -25.94 20.20
N LYS B 325 -3.29 -30.44 25.84
CA LYS B 325 -3.50 -29.57 27.01
C LYS B 325 -2.15 -29.00 27.49
N LYS B 326 -1.07 -29.69 27.14
CA LYS B 326 0.24 -29.48 27.76
C LYS B 326 0.92 -28.24 27.18
N SER B 327 1.46 -27.36 28.02
CA SER B 327 2.29 -26.25 27.49
C SER B 327 3.76 -26.41 27.90
N TYR B 328 4.60 -25.54 27.34
CA TYR B 328 6.04 -25.63 27.47
C TYR B 328 6.61 -24.26 27.86
N ILE B 329 7.78 -24.29 28.47
CA ILE B 329 8.63 -23.15 28.52
C ILE B 329 9.88 -23.52 27.74
N ALA B 330 10.17 -22.75 26.69
CA ALA B 330 11.43 -22.95 25.99
C ALA B 330 12.44 -21.91 26.48
N THR B 331 13.65 -22.36 26.85
CA THR B 331 14.62 -21.49 27.44
C THR B 331 16.01 -21.94 27.02
N GLN B 332 16.96 -21.08 27.33
CA GLN B 332 18.34 -21.26 27.04
C GLN B 332 18.95 -22.10 28.16
N GLY B 333 20.09 -22.72 27.89
CA GLY B 333 20.92 -23.21 28.99
C GLY B 333 21.40 -22.07 29.89
N CYS B 334 21.33 -22.32 31.21
CA CYS B 334 21.68 -21.33 32.23
C CYS B 334 23.12 -20.81 32.12
N LEU B 335 23.26 -19.56 32.46
CA LEU B 335 24.53 -18.94 32.73
C LEU B 335 24.73 -18.98 34.24
N GLN B 336 25.96 -18.69 34.64
CA GLN B 336 26.37 -18.62 36.03
C GLN B 336 25.41 -17.70 36.81
N ASN B 337 25.24 -16.51 36.27
CA ASN B 337 24.38 -15.49 36.89
C ASN B 337 22.90 -15.73 36.60
N THR B 338 22.45 -16.77 35.90
CA THR B 338 20.99 -16.92 35.67
C THR B 338 20.46 -18.21 36.34
N VAL B 339 21.32 -18.99 37.00
CA VAL B 339 20.89 -20.26 37.68
C VAL B 339 19.78 -19.98 38.71
N ASN B 340 19.95 -18.97 39.53
CA ASN B 340 18.94 -18.60 40.53
C ASN B 340 17.61 -18.26 39.86
N ASP B 341 17.65 -17.47 38.80
CA ASP B 341 16.45 -17.06 38.05
C ASP B 341 15.77 -18.26 37.41
N PHE B 342 16.55 -19.23 36.92
CA PHE B 342 16.00 -20.45 36.34
C PHE B 342 15.13 -21.15 37.40
N TRP B 343 15.64 -21.29 38.61
CA TRP B 343 14.87 -21.97 39.65
C TRP B 343 13.69 -21.11 40.13
N ARG B 344 13.83 -19.78 40.14
CA ARG B 344 12.66 -18.92 40.44
C ARG B 344 11.57 -19.16 39.39
N MET B 345 11.97 -19.34 38.13
CA MET B 345 11.03 -19.62 37.06
C MET B 345 10.32 -20.97 37.26
N VAL B 346 11.08 -22.02 37.54
CA VAL B 346 10.51 -23.36 37.71
C VAL B 346 9.51 -23.34 38.86
N PHE B 347 9.87 -22.68 39.96
CA PHE B 347 9.01 -22.57 41.10
C PHE B 347 7.72 -21.80 40.75
N GLN B 348 7.87 -20.59 40.22
CA GLN B 348 6.79 -19.67 39.99
C GLN B 348 5.75 -20.27 39.03
N GLU B 349 6.23 -20.96 38.03
CA GLU B 349 5.38 -21.52 36.98
C GLU B 349 4.85 -22.93 37.35
N ASN B 350 5.21 -23.44 38.52
CA ASN B 350 4.76 -24.73 39.02
C ASN B 350 5.22 -25.85 38.07
N SER B 351 6.34 -25.70 37.39
CA SER B 351 6.84 -26.74 36.49
C SER B 351 7.33 -27.96 37.28
N ARG B 352 7.00 -29.16 36.82
CA ARG B 352 7.35 -30.40 37.50
C ARG B 352 8.26 -31.27 36.61
N VAL B 353 8.48 -30.85 35.37
CA VAL B 353 9.32 -31.61 34.49
C VAL B 353 10.24 -30.64 33.73
N ILE B 354 11.53 -30.99 33.69
CA ILE B 354 12.53 -30.29 32.88
C ILE B 354 13.10 -31.26 31.87
N VAL B 355 13.21 -30.83 30.62
CA VAL B 355 13.84 -31.57 29.54
C VAL B 355 15.11 -30.81 29.13
N MET B 356 16.25 -31.46 29.31
CA MET B 356 17.50 -30.88 28.97
C MET B 356 18.03 -31.64 27.77
N THR B 357 18.38 -30.94 26.68
CA THR B 357 18.67 -31.65 25.41
C THR B 357 20.13 -31.50 24.96
N THR B 358 20.99 -31.02 25.85
CA THR B 358 22.40 -30.81 25.56
C THR B 358 23.22 -31.45 26.67
N LYS B 359 24.44 -31.87 26.37
CA LYS B 359 25.43 -32.01 27.41
C LYS B 359 25.77 -30.61 27.95
N GLU B 360 26.29 -30.56 29.16
CA GLU B 360 26.79 -29.30 29.76
C GLU B 360 27.89 -28.69 28.86
N VAL B 361 28.70 -29.55 28.24
CA VAL B 361 29.82 -29.15 27.36
C VAL B 361 29.76 -30.02 26.09
N GLU B 362 29.88 -29.37 24.94
CA GLU B 362 29.91 -30.08 23.65
C GLU B 362 31.02 -29.47 22.79
N ARG B 363 31.95 -30.33 22.36
CA ARG B 363 33.11 -29.88 21.58
C ARG B 363 33.82 -28.76 22.33
N GLY B 364 34.08 -29.00 23.62
CA GLY B 364 34.93 -28.13 24.46
C GLY B 364 34.25 -26.83 24.88
N LYS B 365 32.99 -26.60 24.50
CA LYS B 365 32.32 -25.32 24.75
C LYS B 365 31.15 -25.55 25.72
N SER B 366 30.97 -24.62 26.68
CA SER B 366 29.88 -24.75 27.67
C SER B 366 28.56 -24.35 27.00
N LYS B 367 27.59 -25.26 27.05
CA LYS B 367 26.26 -25.06 26.49
C LYS B 367 25.25 -24.79 27.61
N CYS B 368 25.58 -25.21 28.84
CA CYS B 368 24.71 -25.03 30.00
C CYS B 368 25.54 -25.22 31.29
N VAL B 369 25.49 -24.26 32.18
CA VAL B 369 26.12 -24.44 33.48
C VAL B 369 25.28 -25.44 34.29
N LYS B 370 25.93 -26.18 35.14
CA LYS B 370 25.27 -27.16 35.98
C LYS B 370 24.43 -26.43 37.03
N TYR B 371 23.13 -26.66 36.96
CA TYR B 371 22.14 -25.98 37.81
C TYR B 371 21.45 -26.96 38.77
N TRP B 372 21.90 -28.21 38.83
CA TRP B 372 21.34 -29.21 39.73
C TRP B 372 22.47 -29.76 40.61
N PRO B 373 22.12 -30.24 41.79
CA PRO B 373 23.15 -30.82 42.61
C PRO B 373 23.46 -32.29 42.23
N ASP B 374 24.61 -32.77 42.64
CA ASP B 374 24.98 -34.19 42.44
C ASP B 374 24.02 -35.06 43.22
N GLU B 375 23.95 -36.33 42.82
CA GLU B 375 23.03 -37.27 43.42
C GLU B 375 23.22 -37.34 44.93
N TYR B 376 22.11 -37.38 45.68
CA TYR B 376 22.07 -37.39 47.16
C TYR B 376 22.47 -36.03 47.77
N ALA B 377 22.86 -35.04 46.99
CA ALA B 377 23.29 -33.76 47.53
C ALA B 377 22.16 -32.70 47.47
N LEU B 378 22.40 -31.59 48.17
CA LEU B 378 21.44 -30.49 48.32
C LEU B 378 22.19 -29.17 48.12
N LYS B 379 21.60 -28.24 47.40
CA LYS B 379 22.21 -26.93 47.15
C LYS B 379 21.14 -25.84 47.25
N GLU B 380 21.55 -24.66 47.76
CA GLU B 380 20.72 -23.49 47.76
C GLU B 380 21.09 -22.63 46.56
N TYR B 381 20.09 -22.25 45.80
CA TYR B 381 20.26 -21.36 44.67
C TYR B 381 19.43 -20.09 44.94
N GLY B 382 20.04 -19.08 45.54
CA GLY B 382 19.29 -17.92 46.07
C GLY B 382 18.31 -18.39 47.13
N VAL B 383 17.05 -17.97 47.01
CA VAL B 383 16.01 -18.33 47.98
C VAL B 383 15.52 -19.77 47.77
N MET B 384 15.94 -20.46 46.71
CA MET B 384 15.43 -21.82 46.43
C MET B 384 16.48 -22.85 46.89
N ARG B 385 15.99 -24.00 47.29
CA ARG B 385 16.81 -25.14 47.65
C ARG B 385 16.36 -26.30 46.75
N VAL B 386 17.34 -27.05 46.26
CA VAL B 386 17.10 -28.23 45.44
C VAL B 386 17.86 -29.42 46.01
N ARG B 387 17.16 -30.50 46.28
CA ARG B 387 17.74 -31.76 46.70
C ARG B 387 17.67 -32.72 45.50
N ASN B 388 18.76 -33.35 45.15
CA ASN B 388 18.80 -34.44 44.16
C ASN B 388 18.67 -35.77 44.93
N VAL B 389 17.47 -36.31 44.88
CA VAL B 389 17.07 -37.44 45.69
C VAL B 389 17.59 -38.73 45.04
N LYS B 390 17.57 -38.80 43.72
CA LYS B 390 17.93 -40.05 43.04
C LYS B 390 18.14 -39.84 41.55
N GLU B 391 19.20 -40.44 40.98
CA GLU B 391 19.41 -40.43 39.53
C GLU B 391 19.21 -41.86 39.00
N SER B 392 18.62 -41.96 37.83
CA SER B 392 18.39 -43.24 37.12
C SER B 392 18.91 -43.09 35.70
N ALA B 393 19.81 -43.94 35.25
CA ALA B 393 20.39 -43.77 33.93
C ALA B 393 19.80 -44.81 32.97
N ALA B 394 19.41 -44.36 31.80
CA ALA B 394 19.10 -45.23 30.69
C ALA B 394 20.14 -44.96 29.61
N HIS B 395 20.11 -45.67 28.48
CA HIS B 395 21.11 -45.40 27.49
C HIS B 395 21.00 -43.98 26.95
N ASP B 396 19.78 -43.49 26.66
CA ASP B 396 19.67 -42.23 25.95
C ASP B 396 19.58 -41.02 26.89
N TYR B 397 19.32 -41.26 28.16
CA TYR B 397 19.05 -40.18 29.09
C TYR B 397 19.25 -40.62 30.53
N THR B 398 19.43 -39.61 31.35
CA THR B 398 19.47 -39.70 32.81
C THR B 398 18.26 -38.96 33.34
N LEU B 399 17.53 -39.59 34.26
CA LEU B 399 16.46 -38.93 35.01
C LEU B 399 16.97 -38.59 36.40
N ARG B 400 16.78 -37.34 36.80
CA ARG B 400 17.14 -36.90 38.14
C ARG B 400 15.89 -36.42 38.86
N GLU B 401 15.62 -37.07 39.98
CA GLU B 401 14.49 -36.71 40.82
C GLU B 401 14.89 -35.60 41.79
N LEU B 402 14.38 -34.40 41.55
CA LEU B 402 14.84 -33.24 42.31
C LEU B 402 13.69 -32.81 43.22
N LYS B 403 14.04 -32.28 44.37
CA LYS B 403 13.03 -31.71 45.22
C LYS B 403 13.34 -30.24 45.42
N LEU B 404 12.38 -29.40 45.05
CA LEU B 404 12.55 -27.93 45.03
C LEU B 404 11.63 -27.28 46.05
N SER B 405 12.20 -26.39 46.88
CA SER B 405 11.40 -25.64 47.83
C SER B 405 12.02 -24.26 48.04
N LYS B 406 11.26 -23.42 48.68
CA LYS B 406 11.75 -22.14 49.12
C LYS B 406 12.41 -22.36 50.48
N VAL B 407 13.61 -21.84 50.67
CA VAL B 407 14.30 -21.93 51.97
C VAL B 407 13.39 -21.30 53.04
N GLY B 408 13.28 -21.98 54.18
CA GLY B 408 12.51 -21.46 55.29
C GLY B 408 11.01 -21.77 55.20
N GLN B 409 10.59 -22.46 54.14
CA GLN B 409 9.18 -22.83 53.93
C GLN B 409 9.09 -24.27 53.38
N GLY B 410 9.18 -25.25 54.25
CA GLY B 410 9.16 -26.66 53.83
C GLY B 410 7.92 -27.02 53.02
N ASN B 411 6.76 -26.49 53.44
CA ASN B 411 5.43 -26.69 52.79
C ASN B 411 5.37 -26.24 51.31
N THR B 412 6.45 -25.72 50.75
CA THR B 412 6.43 -25.30 49.32
C THR B 412 7.11 -26.37 48.45
N GLU B 413 7.52 -27.46 49.07
CA GLU B 413 8.35 -28.44 48.39
C GLU B 413 7.54 -29.17 47.32
N ARG B 414 8.12 -29.33 46.13
CA ARG B 414 7.52 -30.21 45.12
C ARG B 414 8.63 -30.93 44.37
N THR B 415 8.28 -32.07 43.79
CA THR B 415 9.23 -32.88 42.99
C THR B 415 9.27 -32.31 41.57
N VAL B 416 10.49 -32.19 41.08
CA VAL B 416 10.77 -31.77 39.76
C VAL B 416 11.64 -32.86 39.13
N TRP B 417 11.15 -33.42 38.02
CA TRP B 417 11.77 -34.51 37.32
C TRP B 417 12.58 -33.95 36.15
N GLN B 418 13.90 -34.07 36.24
CA GLN B 418 14.77 -33.58 35.18
C GLN B 418 15.22 -34.73 34.28
N TYR B 419 14.79 -34.65 32.99
CA TYR B 419 15.10 -35.59 31.97
C TYR B 419 16.23 -35.05 31.09
N HIS B 420 17.39 -35.68 31.19
CA HIS B 420 18.57 -35.15 30.58
C HIS B 420 18.99 -36.07 29.44
N PHE B 421 18.66 -35.66 28.21
CA PHE B 421 18.90 -36.43 27.01
C PHE B 421 20.40 -36.32 26.70
N ARG B 422 20.99 -37.44 26.39
CA ARG B 422 22.45 -37.52 26.41
C ARG B 422 23.03 -37.93 25.06
N THR B 423 22.22 -38.39 24.12
CA THR B 423 22.79 -38.99 22.92
C THR B 423 22.57 -38.11 21.69
N TRP B 424 22.10 -36.88 21.84
CA TRP B 424 22.02 -36.04 20.66
C TRP B 424 23.43 -35.80 20.10
N PRO B 425 23.66 -36.05 18.80
CA PRO B 425 25.01 -35.92 18.21
C PRO B 425 25.52 -34.47 18.23
N ASP B 426 26.83 -34.31 18.23
CA ASP B 426 27.42 -32.98 18.17
C ASP B 426 27.03 -32.29 16.86
N HIS B 427 27.10 -33.02 15.74
CA HIS B 427 26.68 -32.48 14.41
C HIS B 427 25.36 -33.14 13.96
N GLY B 428 24.44 -32.33 13.45
CA GLY B 428 23.23 -32.86 12.79
C GLY B 428 22.21 -33.39 13.78
N VAL B 429 21.55 -34.48 13.39
CA VAL B 429 20.39 -35.02 14.10
C VAL B 429 20.58 -36.53 14.27
N PRO B 430 19.87 -37.13 15.21
CA PRO B 430 20.03 -38.56 15.35
C PRO B 430 19.62 -39.33 14.09
N SER B 431 20.34 -40.40 13.77
CA SER B 431 20.06 -41.20 12.59
C SER B 431 18.74 -41.96 12.74
N ASP B 432 18.31 -42.21 13.97
CA ASP B 432 17.09 -42.94 14.25
C ASP B 432 16.33 -42.18 15.33
N PRO B 433 15.01 -41.95 15.15
CA PRO B 433 14.24 -41.20 16.14
C PRO B 433 13.74 -41.99 17.36
N GLY B 434 13.96 -43.32 17.40
CA GLY B 434 13.55 -44.21 18.53
C GLY B 434 13.89 -43.66 19.90
N GLY B 435 15.11 -43.17 20.06
CA GLY B 435 15.55 -42.65 21.33
C GLY B 435 14.75 -41.44 21.77
N VAL B 436 14.59 -40.50 20.86
CA VAL B 436 13.87 -39.29 21.16
C VAL B 436 12.41 -39.64 21.47
N LEU B 437 11.82 -40.56 20.69
CA LEU B 437 10.40 -40.89 20.89
C LEU B 437 10.20 -41.58 22.26
N ASP B 438 11.07 -42.52 22.63
CA ASP B 438 10.93 -43.25 23.89
C ASP B 438 11.05 -42.27 25.03
N PHE B 439 12.02 -41.36 24.90
CA PHE B 439 12.26 -40.28 25.84
C PHE B 439 11.02 -39.40 26.03
N LEU B 440 10.45 -38.92 24.93
CA LEU B 440 9.28 -37.97 24.98
C LEU B 440 8.06 -38.72 25.53
N GLU B 441 7.95 -40.00 25.24
CA GLU B 441 6.85 -40.81 25.76
C GLU B 441 6.97 -40.88 27.29
N GLU B 442 8.18 -41.04 27.85
CA GLU B 442 8.35 -41.11 29.33
C GLU B 442 8.08 -39.74 29.95
N VAL B 443 8.56 -38.67 29.30
CA VAL B 443 8.33 -37.31 29.74
C VAL B 443 6.83 -37.04 29.77
N HIS B 444 6.14 -37.48 28.74
CA HIS B 444 4.70 -37.21 28.62
C HIS B 444 3.93 -37.90 29.75
N HIS B 445 4.26 -39.17 30.03
CA HIS B 445 3.55 -39.92 31.11
C HIS B 445 3.84 -39.31 32.48
N LYS B 446 5.08 -38.91 32.72
CA LYS B 446 5.45 -38.25 33.94
C LYS B 446 4.62 -36.97 34.14
N GLN B 447 4.58 -36.11 33.12
CA GLN B 447 3.81 -34.84 33.20
C GLN B 447 2.33 -35.11 33.50
N GLU B 448 1.82 -36.12 32.82
CA GLU B 448 0.40 -36.40 32.85
C GLU B 448 -0.01 -37.02 34.20
N SER B 449 0.94 -37.68 34.87
CA SER B 449 0.76 -38.29 36.17
C SER B 449 0.71 -37.27 37.33
N ILE B 450 1.05 -36.01 37.09
CA ILE B 450 1.20 -35.03 38.20
C ILE B 450 0.08 -34.01 38.13
N MET B 451 -0.74 -33.96 39.18
CA MET B 451 -1.94 -33.11 39.16
C MET B 451 -1.52 -31.62 39.14
N ASP B 452 -2.12 -30.86 38.23
CA ASP B 452 -1.84 -29.42 38.11
C ASP B 452 -0.38 -29.01 37.82
N ALA B 453 0.41 -29.91 37.23
CA ALA B 453 1.78 -29.55 36.84
C ALA B 453 1.72 -28.34 35.92
N GLY B 454 2.72 -27.47 35.96
CA GLY B 454 2.80 -26.36 35.03
C GLY B 454 3.45 -26.78 33.72
N PRO B 455 3.90 -25.79 32.94
CA PRO B 455 4.51 -26.08 31.70
C PRO B 455 5.76 -26.95 31.86
N VAL B 456 6.00 -27.77 30.85
CA VAL B 456 7.26 -28.54 30.78
C VAL B 456 8.36 -27.62 30.27
N VAL B 457 9.42 -27.48 31.06
CA VAL B 457 10.55 -26.68 30.71
C VAL B 457 11.45 -27.46 29.77
N VAL B 458 11.82 -26.86 28.63
CA VAL B 458 12.65 -27.53 27.66
C VAL B 458 13.80 -26.60 27.33
N HIS B 459 15.08 -27.08 27.38
CA HIS B 459 16.20 -26.22 27.07
C HIS B 459 17.29 -27.02 26.35
N CYS B 460 18.09 -26.30 25.57
CA CYS B 460 19.33 -26.77 24.98
C CYS B 460 20.39 -25.70 25.31
N SER B 461 21.05 -25.12 24.31
CA SER B 461 22.03 -24.08 24.48
C SER B 461 21.33 -22.72 24.30
N ALA B 462 20.99 -22.37 23.06
CA ALA B 462 20.31 -21.09 22.78
C ALA B 462 18.80 -21.22 22.99
N GLY B 463 18.30 -22.45 23.09
CA GLY B 463 16.88 -22.65 23.36
C GLY B 463 15.98 -22.53 22.15
N ILE B 464 16.47 -22.78 20.95
CA ILE B 464 15.63 -22.62 19.75
C ILE B 464 15.72 -23.83 18.81
N GLY B 465 16.88 -24.44 18.66
CA GLY B 465 17.03 -25.45 17.61
C GLY B 465 16.52 -26.81 18.08
N ARG B 466 17.34 -27.48 18.87
CA ARG B 466 16.98 -28.73 19.51
C ARG B 466 15.73 -28.58 20.36
N THR B 467 15.66 -27.48 21.11
CA THR B 467 14.48 -27.19 21.95
C THR B 467 13.21 -27.18 21.10
N GLY B 468 13.27 -26.45 19.99
CA GLY B 468 12.14 -26.38 19.11
C GLY B 468 11.80 -27.71 18.48
N THR B 469 12.80 -28.51 18.14
CA THR B 469 12.60 -29.76 17.54
C THR B 469 11.89 -30.71 18.51
N PHE B 470 12.34 -30.74 19.76
CA PHE B 470 11.74 -31.66 20.74
C PHE B 470 10.28 -31.22 20.97
N ILE B 471 10.04 -29.92 21.11
CA ILE B 471 8.70 -29.44 21.41
C ILE B 471 7.72 -29.76 20.27
N VAL B 472 8.13 -29.49 19.02
CA VAL B 472 7.24 -29.75 17.88
C VAL B 472 6.95 -31.25 17.75
N ILE B 473 7.96 -32.11 17.91
CA ILE B 473 7.72 -33.56 17.89
C ILE B 473 6.69 -33.91 18.99
N ASP B 474 6.89 -33.38 20.18
CA ASP B 474 5.99 -33.69 21.25
C ASP B 474 4.53 -33.24 20.96
N ILE B 475 4.35 -32.08 20.33
CA ILE B 475 3.00 -31.56 19.99
C ILE B 475 2.33 -32.51 18.98
N LEU B 476 3.08 -32.88 17.94
CA LEU B 476 2.54 -33.75 16.87
C LEU B 476 2.19 -35.14 17.38
N ILE B 477 3.09 -35.76 18.15
CA ILE B 477 2.84 -37.11 18.71
C ILE B 477 1.61 -37.05 19.63
N ASP B 478 1.48 -35.96 20.39
CA ASP B 478 0.35 -35.79 21.32
C ASP B 478 -1.03 -35.86 20.62
N ILE B 479 -1.14 -35.26 19.44
CA ILE B 479 -2.33 -35.37 18.57
C ILE B 479 -2.61 -36.84 18.20
N ILE B 480 -1.56 -37.56 17.84
CA ILE B 480 -1.72 -38.93 17.39
C ILE B 480 -2.03 -39.82 18.59
N ARG B 481 -1.37 -39.56 19.71
CA ARG B 481 -1.64 -40.34 20.95
C ARG B 481 -3.13 -40.21 21.31
N GLU B 482 -3.70 -39.01 21.26
CA GLU B 482 -5.12 -38.78 21.59
C GLU B 482 -6.04 -39.34 20.47
N LYS B 483 -5.80 -39.00 19.21
CA LYS B 483 -6.78 -39.23 18.15
C LYS B 483 -6.52 -40.53 17.38
N GLY B 484 -5.40 -41.21 17.65
CA GLY B 484 -5.02 -42.37 16.86
C GLY B 484 -4.56 -41.96 15.47
N VAL B 485 -4.41 -42.96 14.62
CA VAL B 485 -3.65 -42.82 13.40
C VAL B 485 -4.48 -42.06 12.36
N ASP B 486 -5.82 -42.05 12.49
CA ASP B 486 -6.69 -41.33 11.57
C ASP B 486 -7.04 -39.93 12.05
N CYS B 487 -6.10 -39.02 11.86
CA CYS B 487 -6.18 -37.62 12.29
C CYS B 487 -5.28 -36.79 11.38
N ASP B 488 -5.50 -35.48 11.34
CA ASP B 488 -4.70 -34.60 10.49
C ASP B 488 -3.52 -34.01 11.24
N ILE B 489 -2.37 -34.02 10.62
CA ILE B 489 -1.25 -33.27 11.15
C ILE B 489 -0.73 -32.35 10.05
N ASP B 490 -0.08 -31.28 10.46
CA ASP B 490 0.48 -30.29 9.55
C ASP B 490 1.77 -29.77 10.15
N VAL B 491 2.89 -30.29 9.66
CA VAL B 491 4.17 -30.07 10.32
C VAL B 491 4.61 -28.61 10.21
N PRO B 492 4.63 -28.03 8.99
CA PRO B 492 5.07 -26.65 8.87
C PRO B 492 4.17 -25.62 9.58
N LYS B 493 2.87 -25.87 9.60
CA LYS B 493 1.94 -25.00 10.29
C LYS B 493 2.20 -25.08 11.81
N THR B 494 2.51 -26.26 12.32
CA THR B 494 2.82 -26.43 13.76
C THR B 494 4.10 -25.66 14.08
N ILE B 495 5.11 -25.74 13.22
CA ILE B 495 6.37 -25.05 13.44
C ILE B 495 6.15 -23.53 13.39
N GLN B 496 5.36 -23.06 12.43
CA GLN B 496 5.10 -21.61 12.31
C GLN B 496 4.41 -21.11 13.59
N MET B 497 3.52 -21.92 14.12
CA MET B 497 2.80 -21.53 15.35
C MET B 497 3.78 -21.43 16.54
N VAL B 498 4.73 -22.37 16.64
CA VAL B 498 5.73 -22.32 17.74
C VAL B 498 6.70 -21.15 17.52
N ARG B 499 7.05 -20.90 16.28
CA ARG B 499 7.96 -19.81 15.91
C ARG B 499 7.35 -18.44 16.22
N SER B 500 6.06 -18.35 16.28
CA SER B 500 5.46 -17.10 16.66
C SER B 500 5.54 -16.88 18.18
N GLN B 501 6.06 -17.85 18.92
CA GLN B 501 6.09 -17.75 20.39
C GLN B 501 7.53 -17.64 20.92
N ARG B 502 8.49 -18.14 20.17
CA ARG B 502 9.89 -17.89 20.40
C ARG B 502 10.59 -17.94 19.04
N SER B 503 11.53 -17.02 18.83
CA SER B 503 12.24 -16.83 17.57
C SER B 503 12.99 -18.10 17.12
N GLY B 504 12.76 -18.54 15.85
CA GLY B 504 13.60 -19.50 15.18
C GLY B 504 13.52 -20.92 15.77
N MET B 505 12.40 -21.25 16.39
CA MET B 505 12.14 -22.61 16.87
C MET B 505 12.17 -23.56 15.67
N VAL B 506 13.08 -24.52 15.76
CA VAL B 506 13.49 -25.43 14.70
C VAL B 506 14.43 -24.68 13.77
N GLN B 507 15.69 -25.08 13.73
CA GLN B 507 16.72 -24.26 13.09
C GLN B 507 17.03 -24.71 11.65
N THR B 508 17.00 -26.02 11.38
CA THR B 508 17.63 -26.54 10.14
C THR B 508 16.71 -27.51 9.39
N GLU B 509 16.97 -27.64 8.09
CA GLU B 509 16.27 -28.64 7.29
C GLU B 509 16.43 -30.05 7.87
N ALA B 510 17.59 -30.38 8.45
CA ALA B 510 17.81 -31.71 8.99
C ALA B 510 16.84 -31.96 10.16
N GLN B 511 16.69 -30.96 11.01
CA GLN B 511 15.74 -31.05 12.12
C GLN B 511 14.31 -31.21 11.59
N TYR B 512 13.98 -30.50 10.51
CA TYR B 512 12.66 -30.57 9.91
C TYR B 512 12.36 -31.99 9.42
N ARG B 513 13.30 -32.59 8.71
CA ARG B 513 13.15 -33.94 8.21
C ARG B 513 13.09 -34.94 9.38
N PHE B 514 13.86 -34.65 10.44
CA PHE B 514 13.87 -35.51 11.61
C PHE B 514 12.50 -35.52 12.28
N ILE B 515 11.86 -34.36 12.35
CA ILE B 515 10.50 -34.29 12.89
C ILE B 515 9.58 -35.22 12.09
N TYR B 516 9.62 -35.16 10.76
CA TYR B 516 8.78 -36.06 9.94
C TYR B 516 9.13 -37.53 10.16
N MET B 517 10.43 -37.84 10.26
CA MET B 517 10.87 -39.23 10.49
C MET B 517 10.35 -39.72 11.85
N ALA B 518 10.39 -38.84 12.85
CA ALA B 518 9.93 -39.17 14.18
C ALA B 518 8.42 -39.47 14.15
N VAL B 519 7.63 -38.59 13.57
CA VAL B 519 6.18 -38.82 13.48
C VAL B 519 5.89 -40.11 12.70
N GLN B 520 6.59 -40.28 11.59
CA GLN B 520 6.44 -41.47 10.79
C GLN B 520 6.70 -42.75 11.60
N HIS B 521 7.74 -42.73 12.42
CA HIS B 521 8.11 -43.90 13.24
C HIS B 521 7.00 -44.16 14.27
N TYR B 522 6.49 -43.09 14.87
CA TYR B 522 5.47 -43.20 15.91
C TYR B 522 4.22 -43.87 15.31
N ILE B 523 3.82 -43.46 14.11
CA ILE B 523 2.66 -44.02 13.40
C ILE B 523 2.89 -45.48 13.04
N GLU B 524 4.03 -45.74 12.44
CA GLU B 524 4.41 -47.14 12.06
C GLU B 524 4.27 -48.08 13.27
N THR B 525 4.69 -47.65 14.44
CA THR B 525 4.68 -48.54 15.61
C THR B 525 3.23 -48.82 16.04
N LEU B 526 2.36 -47.80 16.06
CA LEU B 526 0.92 -48.03 16.32
C LEU B 526 0.33 -49.02 15.30
N GLN B 527 0.57 -48.77 14.03
CA GLN B 527 -0.02 -49.62 13.02
C GLN B 527 0.48 -51.07 13.18
N ARG B 528 1.73 -51.26 13.60
CA ARG B 528 2.30 -52.62 13.75
C ARG B 528 1.53 -53.37 14.85
N ARG B 529 1.03 -52.65 15.86
CA ARG B 529 0.28 -53.28 16.97
C ARG B 529 -1.04 -53.89 16.47
N LEU B 530 -1.68 -53.24 15.50
CA LEU B 530 -2.94 -53.73 14.96
C LEU B 530 -2.70 -55.00 14.14
N GLU B 531 -1.64 -55.03 13.31
CA GLU B 531 -1.29 -56.22 12.49
C GLU B 531 -1.06 -57.43 13.38
N HIS B 532 -0.33 -57.22 14.48
CA HIS B 532 -0.03 -58.26 15.47
C HIS B 532 -1.32 -58.78 16.11
N HIS B 533 -2.26 -57.89 16.41
CA HIS B 533 -3.50 -58.29 17.07
C HIS B 533 -4.28 -59.27 16.16
N HIS B 534 -4.37 -58.96 14.87
CA HIS B 534 -5.07 -59.84 13.93
C HIS B 534 -4.26 -61.11 13.69
N HIS B 535 -2.93 -61.01 13.87
CA HIS B 535 -2.01 -62.15 13.71
C HIS B 535 -1.33 -62.48 15.04
C2 A1H4L C . -1.36 16.36 -16.10
C3 A1H4L C . -2.57 15.61 -16.18
C5 A1H4L C . -3.33 17.13 -17.86
C7 A1H4L C . -3.44 18.82 -19.30
C8 A1H4L C . -2.23 18.89 -18.66
N1 A1H4L C . -0.37 16.04 -15.26
C4 A1H4L C . -3.55 16.00 -17.07
N6 A1H4L C . -4.10 17.75 -18.80
C9 A1H4L C . -2.15 17.83 -17.75
N10 A1H4L C . -1.19 17.46 -16.89
H13 A1H4L C . -2.70 14.84 -15.63
H16 A1H4L C . -3.74 19.42 -19.96
H17 A1H4L C . -1.56 19.54 -18.81
H11 A1H4L C . -0.47 15.33 -14.74
H12 A1H4L C . 0.44 16.32 -15.45
H14 A1H4L C . -4.37 15.51 -17.13
H15 A1H4L C . -4.91 17.49 -19.05
H18 A1H4L C . -0.43 17.93 -16.84
S DMS D . -5.45 -22.06 -17.93
O DMS D . -4.79 -23.11 -18.77
C1 DMS D . -5.74 -20.68 -19.01
C2 DMS D . -7.14 -22.57 -17.73
H11 DMS D . -6.69 -20.57 -19.16
H12 DMS D . -5.30 -20.83 -19.86
H13 DMS D . -5.38 -19.87 -18.60
H21 DMS D . -7.17 -23.34 -17.14
H22 DMS D . -7.51 -22.82 -18.61
H23 DMS D . -7.66 -21.84 -17.36
C2 A1H4L E . 13.93 -17.40 3.62
C3 A1H4L E . 14.28 -16.73 4.83
C5 A1H4L E . 15.67 -18.59 5.39
C7 A1H4L E . 16.75 -20.54 5.31
C8 A1H4L E . 16.00 -20.43 4.18
N1 A1H4L E . 13.10 -16.87 2.73
C4 A1H4L E . 15.14 -17.34 5.71
N6 A1H4L E . 16.54 -19.41 6.06
C9 A1H4L E . 15.32 -19.20 4.20
N10 A1H4L E . 14.48 -18.63 3.34
H13 A1H4L E . 13.89 -15.89 5.03
H16 A1H4L E . 17.31 -21.26 5.56
H17 A1H4L E . 15.96 -21.08 3.48
H11 A1H4L E . 12.75 -16.08 2.90
H12 A1H4L E . 13.15 -17.15 1.89
H14 A1H4L E . 15.39 -16.91 6.53
H15 A1H4L E . 16.90 -19.23 6.84
H18 A1H4L E . 14.26 -19.06 2.58
#